data_8YN3
#
_entry.id   8YN3
#
_cell.length_a   1.00
_cell.length_b   1.00
_cell.length_c   1.00
_cell.angle_alpha   90.00
_cell.angle_beta   90.00
_cell.angle_gamma   90.00
#
_symmetry.space_group_name_H-M   'P 1'
#
loop_
_entity.id
_entity.type
_entity.pdbx_description
1 polymer 'Engineered guanine nucleotide,binding protein G(s) subunit alpha'
2 polymer 'Guanine nucleotide-binding protein G(I)/G(S)/G(T) subunit beta-1'
3 polymer 'Guanine nucleotide-binding protein G(I)/G(S)/G(O) subunit gamma-2'
4 polymer 'Nanobody Nb35'
5 polymer 'Histamine H2 receptor'
6 non-polymer HISTAMINE
7 non-polymer CHOLESTEROL
#
loop_
_entity_poly.entity_id
_entity_poly.type
_entity_poly.pdbx_seq_one_letter_code
_entity_poly.pdbx_strand_id
1 'polypeptide(L)'
;MGCLGNSKTEDQRNEEKAQREANKMIEKQLQKDKQVYRATHRLLLLGADNSGKSTIVKQMRIYHVNSGIFETKFQVDKVN
FHMFDVGAQRDERRKWIQCFNDVTAIIFVVDSSDYNRLQEALNDFKSIWNNRWLRTISVILFLNKQDLLAEKVLAGKSKI
EDYFPEFARYTTPEDATPEPGEDPRVTRAKYFIRDEFLRISTASGDGRHYCYPHFTCSVDTENARRIFNDCRDIIQRMHL
RQYELL
;
A
2 'polypeptide(L)'
;MHHHHHHGSSGSELDQLRQEAEQLKNQIRDARKACADATLSQITNNIDPVGRIQMRTRRTLRGHLAKIYAMHWGTDSRLL
VSASQDGKLIIWDSYTTNKVHAIPLRSSWVMTCAYAPSGNYVACGGLDNICSIYNLKTREGNVRVSRELAGHTGYLSCCR
FLDDNQIVTSSGDTTCALWDIETGQQTTTFTGHTGDVMSLSLAPDTRLFVSGACDASAKLWDVREGMCRQTFTGHESDIN
AICFFPNGNAFATGSDDATCRLFDLRADQELMTYSHDNIICGITSVSFSKSGRLLLAGYDDFNCNVWDALKADRAGVLAG
HDNRVSCLGVTDDGMAVATGSWDSFLKIWNGSSGGGGSGGGGSSGVSGWRLFKKIS
;
B
3 'polypeptide(L)' MASNNTASIAQARKLVEQLKMEANIDRIKVSKAAADLMAYCEAHAKEDPLLTPVPASENPFREKKFFCAIL C
4 'polypeptide(L)'
;QVQLQESGGGLVQPGGSLRLSCAASGFTFSNYKMNWVRQAPGKGLEWVSDISQSGASISYTGSVKGRFTISRDNAKNTLY
LQMNSLKPEDTAVYYCARCPAPFTRDCFDVTSTTYAYRGQGTQVTVSSHHHHHHEPEA
;
N
5 'polypeptide(L)'
;DYKDDDDHHHHHHHHGQPGNGSAFLLAPNGSHAPDHNVTQQRDEGGSGQPGNGSAFLLAPNGSHAPDHNVTQQRDEENLY
FQGVDMAPNGTASSFCLDSTACKITITVVLAVLILITVAGNVVVCLAVGLNRRLRNLTNCFIVSLAITDLLLGLLVLPFS
AIYQLSCKWSFGKVFCNIYTSLDVMLCTASILNLFMISLDRYCAVMDPLRYPVLVTPVRVAISLVLIWVISITLSFLSIH
LGWNSRNETSKGNHTTSKCKVQVNEVYGLVDGLVTFYLPLLIMCITYYRIFKVARDQAKRINHISSWKAATIREHKATVT
LAAVMGAFIICWFPYFTAFVYRGLRGDDAINEVLEAIVLWLGYANSALNPILYAALNRDFRTGYQQLFCCRLAHMGSSGG
GGSGGGGSSGVFTLEDFVGDWEQTAAYNLDQVLEQGGVSSLLQNLAVSVTPIQRIVRSGENALKIDIHVIIPYEGLSADQ
MAQIEEVFKVVYPVDDHHFKVILPYGTLVIDGVTPNMLNYFGRPYEGIAVFDGKKITVTGTLWNGNKIIDERLITPDGSM
LFRVTINS
;
R
#
loop_
_chem_comp.id
_chem_comp.type
_chem_comp.name
_chem_comp.formula
CLR non-polymer CHOLESTEROL 'C27 H46 O'
HSM non-polymer HISTAMINE 'C5 H9 N3'
#
# COMPACT_ATOMS: atom_id res chain seq x y z
N THR A 9 20.23 -31.73 -28.14
CA THR A 9 19.30 -30.67 -27.76
C THR A 9 19.55 -29.40 -28.57
N GLU A 10 19.89 -29.58 -29.85
CA GLU A 10 20.14 -28.43 -30.71
C GLU A 10 18.88 -27.59 -30.90
N ASP A 11 17.73 -28.24 -31.09
CA ASP A 11 16.49 -27.52 -31.23
C ASP A 11 16.12 -26.78 -29.94
N GLN A 12 16.36 -27.42 -28.78
CA GLN A 12 16.07 -26.77 -27.51
C GLN A 12 16.95 -25.54 -27.31
N ARG A 13 18.22 -25.63 -27.68
CA ARG A 13 19.12 -24.49 -27.54
C ARG A 13 18.68 -23.33 -28.41
N ASN A 14 18.19 -23.61 -29.61
CA ASN A 14 17.69 -22.56 -30.48
C ASN A 14 16.49 -21.85 -29.86
N GLU A 15 15.59 -22.60 -29.22
CA GLU A 15 14.43 -21.98 -28.58
C GLU A 15 14.85 -21.14 -27.37
N GLU A 16 15.83 -21.61 -26.61
CA GLU A 16 16.26 -20.85 -25.43
C GLU A 16 16.86 -19.51 -25.82
N LYS A 17 17.68 -19.48 -26.87
CA LYS A 17 18.24 -18.22 -27.33
C LYS A 17 17.15 -17.28 -27.86
N ALA A 18 16.16 -17.83 -28.56
CA ALA A 18 15.06 -17.01 -29.04
C ALA A 18 14.25 -16.43 -27.89
N GLN A 19 13.97 -17.24 -26.87
CA GLN A 19 13.26 -16.73 -25.70
C GLN A 19 14.10 -15.71 -24.93
N ARG A 20 15.40 -15.97 -24.79
CA ARG A 20 16.28 -15.02 -24.15
C ARG A 20 16.35 -13.71 -24.92
N GLU A 21 16.40 -13.78 -26.26
CA GLU A 21 16.40 -12.58 -27.06
C GLU A 21 15.07 -11.83 -26.94
N ALA A 22 13.95 -12.55 -26.89
CA ALA A 22 12.65 -11.91 -26.75
C ALA A 22 12.56 -11.17 -25.43
N ASN A 23 13.12 -11.75 -24.36
CA ASN A 23 13.09 -11.09 -23.06
C ASN A 23 13.83 -9.77 -23.09
N LYS A 24 15.00 -9.74 -23.75
CA LYS A 24 15.80 -8.51 -23.77
C LYS A 24 15.09 -7.39 -24.53
N MET A 25 14.35 -7.73 -25.58
CA MET A 25 13.56 -6.71 -26.27
C MET A 25 12.49 -6.13 -25.36
N ILE A 26 11.89 -6.97 -24.53
CA ILE A 26 10.86 -6.49 -23.60
C ILE A 26 11.48 -5.58 -22.54
N GLU A 27 12.64 -5.97 -22.00
CA GLU A 27 13.27 -5.19 -20.94
C GLU A 27 13.66 -3.80 -21.42
N LYS A 28 14.13 -3.69 -22.65
CA LYS A 28 14.47 -2.37 -23.19
C LYS A 28 13.23 -1.48 -23.28
N GLN A 29 12.09 -2.04 -23.69
CA GLN A 29 10.85 -1.29 -23.67
C GLN A 29 10.43 -0.96 -22.25
N LEU A 30 10.61 -1.89 -21.31
CA LEU A 30 10.25 -1.63 -19.92
C LEU A 30 11.10 -0.52 -19.32
N GLN A 31 12.35 -0.40 -19.75
CA GLN A 31 13.19 0.69 -19.26
C GLN A 31 12.64 2.05 -19.70
N LYS A 32 12.17 2.15 -20.94
CA LYS A 32 11.58 3.39 -21.40
C LYS A 32 10.31 3.73 -20.62
N ASP A 33 9.48 2.72 -20.35
CA ASP A 33 8.27 2.96 -19.58
C ASP A 33 8.58 3.37 -18.15
N LYS A 34 9.69 2.89 -17.60
CA LYS A 34 10.06 3.24 -16.23
C LYS A 34 10.33 4.73 -16.10
N GLN A 35 11.06 5.32 -17.06
CA GLN A 35 11.34 6.74 -17.02
C GLN A 35 10.08 7.57 -17.14
N VAL A 36 9.15 7.14 -18.00
CA VAL A 36 7.89 7.87 -18.15
C VAL A 36 7.04 7.73 -16.89
N TYR A 37 7.04 6.55 -16.28
CA TYR A 37 6.20 6.32 -15.11
C TYR A 37 6.68 7.14 -13.91
N ARG A 38 7.99 7.12 -13.65
CA ARG A 38 8.52 7.79 -12.47
C ARG A 38 8.53 9.31 -12.64
N ALA A 39 8.58 9.80 -13.88
CA ALA A 39 8.57 11.24 -14.11
C ALA A 39 7.19 11.83 -13.88
N THR A 40 6.13 11.07 -14.16
CA THR A 40 4.78 11.56 -14.02
C THR A 40 4.29 11.42 -12.57
N HIS A 41 3.56 12.43 -12.11
CA HIS A 41 2.95 12.41 -10.78
C HIS A 41 1.46 12.21 -10.94
N ARG A 42 0.94 11.16 -10.31
CA ARG A 42 -0.47 10.80 -10.42
C ARG A 42 -1.26 11.38 -9.24
N LEU A 43 -2.46 11.84 -9.52
CA LEU A 43 -3.32 12.47 -8.53
C LEU A 43 -4.72 11.87 -8.62
N LEU A 44 -5.37 11.76 -7.47
CA LEU A 44 -6.75 11.31 -7.38
C LEU A 44 -7.62 12.52 -7.06
N LEU A 45 -8.60 12.79 -7.91
CA LEU A 45 -9.51 13.91 -7.75
C LEU A 45 -10.81 13.39 -7.15
N LEU A 46 -11.18 13.92 -5.98
CA LEU A 46 -12.36 13.49 -5.25
C LEU A 46 -13.21 14.70 -4.90
N GLY A 47 -14.52 14.52 -4.92
CA GLY A 47 -15.45 15.57 -4.57
C GLY A 47 -16.88 15.15 -4.86
N ALA A 48 -17.83 15.80 -4.22
CA ALA A 48 -19.23 15.47 -4.45
C ALA A 48 -19.74 16.16 -5.71
N ASP A 49 -21.02 15.95 -6.02
CA ASP A 49 -21.58 16.54 -7.23
C ASP A 49 -21.69 18.06 -7.13
N ASN A 50 -21.98 18.58 -5.93
CA ASN A 50 -22.12 20.02 -5.77
C ASN A 50 -20.79 20.74 -5.99
N SER A 51 -19.68 20.13 -5.54
CA SER A 51 -18.38 20.74 -5.73
C SER A 51 -18.02 20.76 -7.21
N GLY A 52 -17.36 21.84 -7.63
CA GLY A 52 -16.93 21.95 -9.01
C GLY A 52 -15.53 21.42 -9.23
N LYS A 53 -15.32 20.12 -8.96
CA LYS A 53 -13.99 19.55 -9.10
C LYS A 53 -13.57 19.47 -10.56
N SER A 54 -14.52 19.39 -11.49
CA SER A 54 -14.17 19.28 -12.90
C SER A 54 -13.56 20.57 -13.45
N THR A 55 -13.76 21.69 -12.77
CA THR A 55 -13.23 22.98 -13.21
C THR A 55 -12.16 23.51 -12.25
N ILE A 56 -11.49 22.63 -11.52
CA ILE A 56 -10.44 23.06 -10.60
C ILE A 56 -9.19 23.45 -11.37
N VAL A 57 -8.74 22.58 -12.28
CA VAL A 57 -7.56 22.85 -13.09
C VAL A 57 -8.03 23.37 -14.44
N LYS A 58 -7.54 24.54 -14.82
CA LYS A 58 -7.93 25.15 -16.08
C LYS A 58 -7.24 24.49 -17.27
N ILE A 62 -4.91 19.06 -20.69
CA ILE A 62 -5.34 17.98 -21.56
C ILE A 62 -6.34 17.08 -20.83
N TYR A 63 -7.61 17.17 -21.22
CA TYR A 63 -8.68 16.41 -20.59
C TYR A 63 -9.13 15.31 -21.54
N HIS A 64 -9.03 14.07 -21.09
CA HIS A 64 -9.38 12.91 -21.89
C HIS A 64 -10.28 11.99 -21.08
N VAL A 65 -11.41 11.59 -21.67
CA VAL A 65 -12.34 10.66 -21.05
C VAL A 65 -11.95 9.26 -21.50
N ASN A 66 -11.32 8.50 -20.60
CA ASN A 66 -10.93 7.12 -20.86
C ASN A 66 -11.92 6.21 -20.14
N SER A 67 -12.88 5.68 -20.89
CA SER A 67 -13.99 4.88 -20.36
C SER A 67 -14.73 5.76 -19.35
N GLY A 68 -15.00 5.29 -18.13
CA GLY A 68 -15.68 6.10 -17.15
C GLY A 68 -14.80 6.99 -16.32
N ILE A 69 -13.48 6.78 -16.40
CA ILE A 69 -12.52 7.56 -15.62
C ILE A 69 -12.11 8.78 -16.44
N PHE A 70 -12.29 9.96 -15.87
CA PHE A 70 -11.89 11.20 -16.52
C PHE A 70 -10.47 11.53 -16.09
N GLU A 71 -9.59 11.74 -17.07
CA GLU A 71 -8.20 12.02 -16.82
C GLU A 71 -7.86 13.42 -17.30
N THR A 72 -7.12 14.15 -16.46
CA THR A 72 -6.61 15.48 -16.80
C THR A 72 -5.10 15.45 -16.70
N LYS A 73 -4.43 15.89 -17.75
CA LYS A 73 -2.98 15.96 -17.80
C LYS A 73 -2.58 17.43 -17.96
N PHE A 74 -1.90 17.97 -16.95
CA PHE A 74 -1.41 19.33 -16.98
C PHE A 74 0.06 19.33 -16.60
N GLN A 75 0.76 20.38 -17.05
CA GLN A 75 2.20 20.49 -16.89
C GLN A 75 2.54 21.82 -16.24
N VAL A 76 3.34 21.78 -15.19
CA VAL A 76 3.80 22.97 -14.50
C VAL A 76 5.31 22.89 -14.37
N ASP A 77 6.01 23.84 -14.98
CA ASP A 77 7.48 23.91 -14.94
C ASP A 77 8.11 22.58 -15.38
N LYS A 78 7.60 22.06 -16.50
CA LYS A 78 8.09 20.81 -17.10
C LYS A 78 7.95 19.62 -16.15
N VAL A 79 6.94 19.64 -15.29
CA VAL A 79 6.61 18.51 -14.44
C VAL A 79 5.20 18.06 -14.82
N ASN A 80 5.07 16.77 -15.16
CA ASN A 80 3.81 16.25 -15.66
C ASN A 80 2.96 15.70 -14.51
N PHE A 81 1.69 16.11 -14.49
CA PHE A 81 0.74 15.66 -13.49
C PHE A 81 -0.43 14.97 -14.20
N HIS A 82 -0.78 13.78 -13.72
CA HIS A 82 -1.90 13.02 -14.27
C HIS A 82 -2.95 12.91 -13.18
N MET A 83 -4.02 13.68 -13.29
CA MET A 83 -5.10 13.68 -12.33
C MET A 83 -6.22 12.76 -12.82
N PHE A 84 -6.63 11.83 -11.96
CA PHE A 84 -7.63 10.84 -12.29
C PHE A 84 -8.90 11.12 -11.50
N ASP A 85 -10.03 11.20 -12.20
CA ASP A 85 -11.34 11.39 -11.59
C ASP A 85 -12.19 10.18 -11.92
N VAL A 86 -12.66 9.49 -10.89
CA VAL A 86 -13.42 8.26 -11.06
C VAL A 86 -14.90 8.62 -11.16
N GLY A 87 -15.47 8.46 -12.35
CA GLY A 87 -16.85 8.86 -12.57
C GLY A 87 -17.90 7.77 -12.56
N ALA A 88 -17.66 6.68 -13.29
CA ALA A 88 -18.70 5.68 -13.54
C ALA A 88 -18.62 4.51 -12.55
N GLN A 89 -18.84 4.82 -11.27
CA GLN A 89 -18.87 3.81 -10.23
C GLN A 89 -20.08 4.03 -9.33
N ARG A 90 -20.45 3.00 -8.57
CA ARG A 90 -21.50 3.15 -7.58
C ARG A 90 -21.01 3.98 -6.42
N ASP A 91 -21.96 4.42 -5.59
CA ASP A 91 -21.62 5.30 -4.46
C ASP A 91 -20.74 4.62 -3.43
N GLU A 92 -20.72 3.28 -3.39
CA GLU A 92 -19.80 2.57 -2.51
C GLU A 92 -18.40 2.60 -3.11
N ARG A 93 -17.41 2.95 -2.28
CA ARG A 93 -16.07 3.16 -2.81
C ARG A 93 -14.96 2.53 -1.98
N ARG A 94 -15.28 1.73 -0.95
CA ARG A 94 -14.24 1.17 -0.10
C ARG A 94 -13.35 0.17 -0.82
N LYS A 95 -13.76 -0.32 -1.98
CA LYS A 95 -12.97 -1.29 -2.73
C LYS A 95 -12.10 -0.64 -3.79
N TRP A 96 -12.68 0.22 -4.63
CA TRP A 96 -11.90 0.81 -5.71
C TRP A 96 -11.02 1.96 -5.25
N ILE A 97 -11.21 2.48 -4.04
CA ILE A 97 -10.34 3.52 -3.53
C ILE A 97 -8.94 2.97 -3.27
N GLN A 98 -8.81 1.66 -3.08
CA GLN A 98 -7.51 1.04 -2.84
C GLN A 98 -6.62 1.07 -4.07
N CYS A 99 -7.18 1.34 -5.25
CA CYS A 99 -6.37 1.44 -6.46
C CYS A 99 -5.43 2.63 -6.42
N PHE A 100 -5.69 3.61 -5.57
CA PHE A 100 -4.94 4.86 -5.53
C PHE A 100 -4.16 5.01 -4.22
N ASN A 101 -3.57 3.92 -3.75
CA ASN A 101 -2.78 3.96 -2.53
C ASN A 101 -1.39 4.55 -2.74
N ASP A 102 -0.99 4.77 -3.99
CA ASP A 102 0.36 5.22 -4.31
C ASP A 102 0.37 6.52 -5.11
N VAL A 103 -0.72 7.29 -5.06
CA VAL A 103 -0.73 8.58 -5.75
C VAL A 103 0.13 9.58 -4.99
N THR A 104 0.56 10.62 -5.70
CA THR A 104 1.34 11.67 -5.06
C THR A 104 0.50 12.42 -4.04
N ALA A 105 -0.75 12.74 -4.38
CA ALA A 105 -1.65 13.43 -3.47
C ALA A 105 -3.08 13.20 -3.91
N ILE A 106 -4.01 13.46 -3.01
CA ILE A 106 -5.44 13.36 -3.28
C ILE A 106 -6.00 14.78 -3.29
N ILE A 107 -6.67 15.14 -4.39
CA ILE A 107 -7.29 16.45 -4.53
C ILE A 107 -8.73 16.33 -4.03
N PHE A 108 -9.01 16.93 -2.89
CA PHE A 108 -10.34 16.88 -2.29
C PHE A 108 -10.99 18.25 -2.46
N VAL A 109 -12.13 18.28 -3.14
CA VAL A 109 -12.82 19.52 -3.47
C VAL A 109 -14.12 19.57 -2.70
N VAL A 110 -14.36 20.69 -2.01
CA VAL A 110 -15.50 20.87 -1.14
C VAL A 110 -16.23 22.14 -1.54
N ASP A 111 -17.57 22.06 -1.63
CA ASP A 111 -18.40 23.25 -1.78
C ASP A 111 -18.54 23.90 -0.41
N SER A 112 -17.89 25.04 -0.22
CA SER A 112 -17.92 25.70 1.09
C SER A 112 -19.25 26.37 1.36
N SER A 113 -19.95 26.83 0.31
CA SER A 113 -21.19 27.55 0.51
C SER A 113 -22.33 26.65 0.98
N ASP A 114 -22.26 25.35 0.66
CA ASP A 114 -23.34 24.43 1.00
C ASP A 114 -23.15 23.94 2.43
N TYR A 115 -23.92 24.52 3.36
CA TYR A 115 -23.82 24.12 4.77
C TYR A 115 -24.51 22.78 5.03
N ASN A 116 -25.54 22.45 4.26
CA ASN A 116 -26.27 21.21 4.49
C ASN A 116 -25.39 19.99 4.23
N ARG A 117 -24.58 20.04 3.17
CA ARG A 117 -23.71 18.94 2.79
C ARG A 117 -22.30 19.10 3.32
N LEU A 118 -22.04 20.12 4.15
CA LEU A 118 -20.70 20.34 4.66
C LEU A 118 -20.25 19.19 5.55
N GLN A 119 -21.13 18.69 6.41
CA GLN A 119 -20.77 17.54 7.25
C GLN A 119 -20.55 16.29 6.42
N GLU A 120 -21.25 16.17 5.29
CA GLU A 120 -21.03 15.03 4.39
C GLU A 120 -19.60 15.04 3.85
N ALA A 121 -19.10 16.22 3.45
CA ALA A 121 -17.72 16.31 2.99
C ALA A 121 -16.73 16.00 4.11
N LEU A 122 -17.04 16.45 5.33
CA LEU A 122 -16.17 16.15 6.47
C LEU A 122 -16.11 14.66 6.74
N ASN A 123 -17.25 13.97 6.64
CA ASN A 123 -17.26 12.53 6.82
C ASN A 123 -16.47 11.82 5.73
N ASP A 124 -16.61 12.26 4.48
CA ASP A 124 -15.82 11.68 3.40
C ASP A 124 -14.33 11.93 3.61
N PHE A 125 -13.98 13.15 4.03
CA PHE A 125 -12.57 13.45 4.29
C PHE A 125 -12.02 12.60 5.43
N LYS A 126 -12.86 12.34 6.44
CA LYS A 126 -12.42 11.53 7.57
C LYS A 126 -12.09 10.11 7.13
N SER A 127 -12.92 9.51 6.29
CA SER A 127 -12.69 8.14 5.83
C SER A 127 -11.40 8.04 5.01
N ILE A 128 -11.19 9.00 4.12
CA ILE A 128 -9.99 8.99 3.28
C ILE A 128 -8.74 9.18 4.13
N TRP A 129 -8.80 10.11 5.09
CA TRP A 129 -7.64 10.38 5.93
C TRP A 129 -7.26 9.18 6.78
N ASN A 130 -8.25 8.47 7.32
CA ASN A 130 -8.01 7.39 8.26
C ASN A 130 -8.01 6.01 7.62
N ASN A 131 -8.16 5.91 6.29
CA ASN A 131 -8.12 4.61 5.65
C ASN A 131 -6.71 4.03 5.72
N ARG A 132 -6.63 2.72 5.98
CA ARG A 132 -5.35 2.06 6.20
C ARG A 132 -4.45 2.13 4.97
N TRP A 133 -5.02 2.11 3.78
CA TRP A 133 -4.24 2.13 2.56
C TRP A 133 -3.97 3.54 2.04
N LEU A 134 -4.50 4.56 2.69
CA LEU A 134 -4.23 5.96 2.34
C LEU A 134 -3.61 6.73 3.50
N ARG A 135 -2.96 6.02 4.44
CA ARG A 135 -2.40 6.66 5.61
C ARG A 135 -1.16 7.49 5.30
N THR A 136 -0.55 7.29 4.13
CA THR A 136 0.67 8.01 3.77
C THR A 136 0.46 8.91 2.56
N ILE A 137 -0.79 9.31 2.30
CA ILE A 137 -1.11 10.15 1.16
C ILE A 137 -1.62 11.48 1.67
N SER A 138 -0.95 12.55 1.28
CA SER A 138 -1.38 13.89 1.63
C SER A 138 -2.61 14.29 0.81
N VAL A 139 -3.38 15.21 1.35
CA VAL A 139 -4.62 15.65 0.73
C VAL A 139 -4.49 17.15 0.44
N ILE A 140 -4.63 17.51 -0.83
CA ILE A 140 -4.65 18.91 -1.24
C ILE A 140 -6.10 19.34 -1.25
N LEU A 141 -6.53 19.96 -0.16
CA LEU A 141 -7.94 20.31 0.03
C LEU A 141 -8.25 21.62 -0.68
N PHE A 142 -9.31 21.62 -1.48
CA PHE A 142 -9.77 22.82 -2.18
C PHE A 142 -11.15 23.16 -1.66
N LEU A 143 -11.26 24.31 -0.99
CA LEU A 143 -12.54 24.81 -0.50
C LEU A 143 -13.11 25.69 -1.59
N ASN A 144 -13.81 25.06 -2.53
CA ASN A 144 -14.25 25.71 -3.75
C ASN A 144 -15.46 26.61 -3.50
N LYS A 145 -15.76 27.44 -4.49
CA LYS A 145 -16.92 28.34 -4.48
C LYS A 145 -16.89 29.29 -3.29
N GLN A 146 -15.74 29.93 -3.09
CA GLN A 146 -15.61 30.91 -2.03
C GLN A 146 -16.43 32.16 -2.30
N ASP A 147 -16.67 32.49 -3.57
CA ASP A 147 -17.49 33.64 -3.90
C ASP A 147 -18.92 33.46 -3.42
N LEU A 148 -19.47 32.26 -3.58
CA LEU A 148 -20.83 31.99 -3.11
C LEU A 148 -20.90 32.02 -1.59
N LEU A 149 -19.83 31.61 -0.91
CA LEU A 149 -19.81 31.68 0.55
C LEU A 149 -19.89 33.12 1.04
N ALA A 150 -19.19 34.03 0.37
CA ALA A 150 -19.25 35.44 0.75
C ALA A 150 -20.65 36.00 0.60
N GLU A 151 -21.32 35.67 -0.51
CA GLU A 151 -22.68 36.13 -0.71
C GLU A 151 -23.63 35.54 0.31
N LYS A 152 -23.45 34.25 0.65
CA LYS A 152 -24.32 33.62 1.63
C LYS A 152 -24.16 34.22 3.01
N VAL A 153 -22.92 34.53 3.41
CA VAL A 153 -22.67 35.10 4.72
C VAL A 153 -23.21 36.53 4.81
N LEU A 154 -22.96 37.34 3.77
CA LEU A 154 -23.42 38.72 3.78
C LEU A 154 -24.94 38.80 3.73
N ALA A 155 -25.60 37.87 3.04
CA ALA A 155 -27.06 37.86 3.01
C ALA A 155 -27.63 37.61 4.40
N GLY A 156 -27.04 36.66 5.13
CA GLY A 156 -27.47 36.38 6.49
C GLY A 156 -28.71 35.51 6.61
N LYS A 157 -29.22 34.99 5.50
CA LYS A 157 -30.41 34.14 5.58
C LYS A 157 -30.12 32.83 6.31
N SER A 158 -28.95 32.24 6.07
CA SER A 158 -28.58 30.97 6.67
C SER A 158 -27.41 31.18 7.63
N LYS A 159 -27.45 30.47 8.75
CA LYS A 159 -26.45 30.61 9.81
C LYS A 159 -25.66 29.31 9.94
N ILE A 160 -24.33 29.43 10.04
CA ILE A 160 -23.49 28.25 10.23
C ILE A 160 -23.76 27.62 11.58
N GLU A 161 -24.07 28.43 12.61
CA GLU A 161 -24.33 27.88 13.94
C GLU A 161 -25.52 26.93 13.95
N ASP A 162 -26.43 27.04 12.98
CA ASP A 162 -27.53 26.09 12.87
C ASP A 162 -26.99 24.69 12.57
N TYR A 163 -25.95 24.59 11.76
CA TYR A 163 -25.33 23.32 11.41
C TYR A 163 -24.08 23.04 12.22
N PHE A 164 -23.37 24.08 12.68
CA PHE A 164 -22.13 23.93 13.44
C PHE A 164 -22.22 24.80 14.69
N PRO A 165 -22.72 24.25 15.79
CA PRO A 165 -22.85 25.05 17.01
C PRO A 165 -21.52 25.59 17.54
N GLU A 166 -20.41 24.93 17.23
CA GLU A 166 -19.10 25.40 17.68
C GLU A 166 -18.78 26.78 17.10
N PHE A 167 -19.30 27.08 15.91
CA PHE A 167 -19.01 28.35 15.25
C PHE A 167 -19.44 29.56 16.08
N ALA A 168 -20.38 29.38 17.02
CA ALA A 168 -20.81 30.48 17.86
C ALA A 168 -19.66 30.99 18.72
N ARG A 169 -18.81 30.10 19.20
CA ARG A 169 -17.66 30.45 20.04
C ARG A 169 -16.35 30.31 19.29
N TYR A 170 -16.36 30.51 17.98
CA TYR A 170 -15.16 30.43 17.15
C TYR A 170 -14.69 31.82 16.79
N THR A 171 -13.37 32.01 16.77
CA THR A 171 -12.77 33.29 16.42
C THR A 171 -11.75 33.09 15.30
N THR A 172 -11.55 34.13 14.50
CA THR A 172 -10.61 34.06 13.40
C THR A 172 -9.19 33.88 13.93
N PRO A 173 -8.41 32.98 13.34
CA PRO A 173 -7.02 32.80 13.80
C PRO A 173 -6.19 34.05 13.55
N GLU A 174 -5.18 34.25 14.41
CA GLU A 174 -4.30 35.39 14.24
C GLU A 174 -3.45 35.27 12.99
N ASP A 175 -3.07 34.06 12.60
CA ASP A 175 -2.27 33.83 11.41
C ASP A 175 -3.07 33.97 10.12
N ALA A 176 -4.38 34.14 10.21
CA ALA A 176 -5.20 34.28 9.02
C ALA A 176 -4.81 35.53 8.24
N THR A 177 -4.90 35.43 6.91
CA THR A 177 -4.54 36.51 6.00
C THR A 177 -5.75 36.82 5.12
N PRO A 178 -6.71 37.58 5.63
CA PRO A 178 -7.88 37.91 4.82
C PRO A 178 -7.53 38.77 3.61
N GLU A 179 -8.28 38.56 2.54
CA GLU A 179 -8.06 39.33 1.33
C GLU A 179 -8.45 40.79 1.57
N PRO A 180 -7.80 41.73 0.88
CA PRO A 180 -8.18 43.14 1.03
C PRO A 180 -9.63 43.37 0.60
N GLY A 181 -10.32 44.23 1.34
CA GLY A 181 -11.71 44.49 1.05
C GLY A 181 -12.62 43.29 1.26
N GLU A 182 -12.36 42.52 2.32
CA GLU A 182 -13.16 41.35 2.65
C GLU A 182 -13.83 41.56 4.00
N ASP A 183 -15.11 41.23 4.08
CA ASP A 183 -15.86 41.48 5.30
C ASP A 183 -15.34 40.59 6.43
N PRO A 184 -15.22 41.12 7.65
CA PRO A 184 -14.78 40.28 8.78
C PRO A 184 -15.66 39.07 9.02
N ARG A 185 -16.95 39.15 8.69
CA ARG A 185 -17.83 38.00 8.87
C ARG A 185 -17.51 36.91 7.86
N VAL A 186 -16.98 37.28 6.70
CA VAL A 186 -16.65 36.29 5.68
C VAL A 186 -15.44 35.46 6.10
N THR A 187 -14.41 36.13 6.63
CA THR A 187 -13.19 35.41 7.01
C THR A 187 -13.40 34.51 8.23
N ARG A 188 -14.40 34.83 9.07
CA ARG A 188 -14.76 33.88 10.13
C ARG A 188 -15.34 32.60 9.54
N ALA A 189 -16.22 32.73 8.55
CA ALA A 189 -16.80 31.56 7.91
C ALA A 189 -15.76 30.77 7.12
N LYS A 190 -14.87 31.48 6.41
CA LYS A 190 -13.87 30.80 5.60
C LYS A 190 -12.95 29.94 6.44
N TYR A 191 -12.47 30.49 7.56
CA TYR A 191 -11.46 29.79 8.34
C TYR A 191 -12.07 28.78 9.29
N PHE A 192 -13.32 28.96 9.70
CA PHE A 192 -13.97 27.92 10.50
C PHE A 192 -14.15 26.64 9.68
N ILE A 193 -14.56 26.78 8.42
CA ILE A 193 -14.70 25.62 7.55
C ILE A 193 -13.35 24.97 7.32
N ARG A 194 -12.31 25.78 7.08
CA ARG A 194 -10.98 25.24 6.93
C ARG A 194 -10.51 24.55 8.19
N ASP A 195 -10.77 25.15 9.35
CA ASP A 195 -10.39 24.53 10.62
C ASP A 195 -11.20 23.28 10.90
N GLU A 196 -12.42 23.20 10.37
CA GLU A 196 -13.21 21.98 10.53
C GLU A 196 -12.53 20.79 9.87
N PHE A 197 -11.91 21.01 8.71
CA PHE A 197 -11.14 19.95 8.07
C PHE A 197 -9.80 19.73 8.75
N LEU A 198 -9.19 20.79 9.29
CA LEU A 198 -7.90 20.65 9.95
C LEU A 198 -8.01 19.92 11.28
N ARG A 199 -9.19 19.94 11.91
CA ARG A 199 -9.39 19.15 13.12
C ARG A 199 -9.23 17.67 12.83
N ILE A 200 -9.72 17.23 11.67
CA ILE A 200 -9.58 15.84 11.27
C ILE A 200 -8.14 15.51 10.93
N SER A 201 -7.50 16.36 10.11
CA SER A 201 -6.17 16.02 9.59
C SER A 201 -5.10 16.08 10.67
N THR A 202 -5.27 16.90 11.69
CA THR A 202 -4.28 16.98 12.76
C THR A 202 -4.53 15.98 13.88
N ALA A 203 -5.69 15.33 13.90
CA ALA A 203 -5.98 14.33 14.92
C ALA A 203 -5.06 13.12 14.78
N SER A 204 -4.84 12.66 13.56
CA SER A 204 -4.00 11.50 13.31
C SER A 204 -3.16 11.73 12.06
N GLY A 205 -2.13 10.91 11.90
CA GLY A 205 -1.27 10.99 10.74
C GLY A 205 0.21 10.81 11.07
N ASP A 206 0.62 11.24 12.25
CA ASP A 206 1.99 11.03 12.75
C ASP A 206 3.02 11.58 11.78
N GLY A 207 2.71 12.70 11.13
CA GLY A 207 3.64 13.32 10.22
C GLY A 207 3.88 12.59 8.92
N ARG A 208 3.13 11.52 8.66
CA ARG A 208 3.28 10.81 7.39
C ARG A 208 2.54 11.48 6.25
N HIS A 209 1.45 12.19 6.55
CA HIS A 209 0.71 12.93 5.53
C HIS A 209 0.16 14.21 6.15
N TYR A 210 -0.03 15.21 5.30
CA TYR A 210 -0.52 16.51 5.73
C TYR A 210 -1.61 16.98 4.77
N CYS A 211 -2.47 17.85 5.27
CA CYS A 211 -3.56 18.40 4.48
C CYS A 211 -3.23 19.84 4.11
N TYR A 212 -3.29 20.15 2.81
CA TYR A 212 -2.99 21.48 2.33
C TYR A 212 -4.26 22.17 1.87
N PRO A 213 -4.89 23.00 2.71
CA PRO A 213 -6.14 23.66 2.34
C PRO A 213 -5.93 24.97 1.59
N HIS A 214 -6.73 25.17 0.55
CA HIS A 214 -6.69 26.39 -0.23
C HIS A 214 -8.10 26.92 -0.43
N PHE A 215 -8.21 28.24 -0.50
CA PHE A 215 -9.48 28.91 -0.79
C PHE A 215 -9.49 29.23 -2.29
N THR A 216 -10.48 28.71 -3.00
CA THR A 216 -10.54 28.88 -4.44
C THR A 216 -11.95 29.22 -4.87
N CYS A 217 -12.04 29.92 -6.01
CA CYS A 217 -13.30 30.29 -6.62
C CYS A 217 -13.42 29.61 -7.98
N SER A 218 -14.58 29.77 -8.60
CA SER A 218 -14.77 29.20 -9.93
C SER A 218 -13.83 29.82 -10.95
N VAL A 219 -13.67 31.15 -10.91
CA VAL A 219 -12.73 31.84 -11.78
C VAL A 219 -11.41 31.94 -11.02
N ASP A 220 -10.61 30.88 -11.14
CA ASP A 220 -9.32 30.82 -10.45
C ASP A 220 -8.37 30.03 -11.34
N THR A 221 -7.36 30.71 -11.88
CA THR A 221 -6.41 30.10 -12.79
C THR A 221 -5.11 29.66 -12.10
N GLU A 222 -5.02 29.81 -10.78
CA GLU A 222 -3.80 29.50 -10.04
C GLU A 222 -3.86 28.15 -9.35
N ASN A 223 -4.91 27.35 -9.60
CA ASN A 223 -5.03 26.07 -8.90
C ASN A 223 -4.01 25.05 -9.37
N ALA A 224 -3.60 25.10 -10.64
CA ALA A 224 -2.56 24.19 -11.12
C ALA A 224 -1.24 24.46 -10.43
N ARG A 225 -0.92 25.74 -10.21
CA ARG A 225 0.32 26.08 -9.51
C ARG A 225 0.27 25.67 -8.05
N ARG A 226 -0.90 25.79 -7.41
CA ARG A 226 -1.03 25.38 -6.01
C ARG A 226 -0.79 23.89 -5.84
N ILE A 227 -1.32 23.08 -6.76
CA ILE A 227 -1.06 21.64 -6.72
C ILE A 227 0.42 21.36 -6.91
N PHE A 228 1.06 22.09 -7.83
CA PHE A 228 2.49 21.96 -8.03
C PHE A 228 3.27 22.33 -6.77
N ASN A 229 2.89 23.42 -6.10
CA ASN A 229 3.57 23.82 -4.89
C ASN A 229 3.37 22.80 -3.77
N ASP A 230 2.13 22.35 -3.57
CA ASP A 230 1.85 21.41 -2.50
C ASP A 230 2.54 20.08 -2.74
N CYS A 231 2.53 19.60 -3.99
CA CYS A 231 3.23 18.35 -4.30
C CYS A 231 4.71 18.46 -3.98
N ARG A 232 5.30 19.63 -4.24
CA ARG A 232 6.69 19.85 -3.85
C ARG A 232 6.86 19.76 -2.34
N ASP A 233 5.94 20.35 -1.58
CA ASP A 233 6.02 20.26 -0.13
C ASP A 233 5.85 18.84 0.35
N ILE A 234 4.93 18.08 -0.26
CA ILE A 234 4.66 16.71 0.17
C ILE A 234 5.91 15.86 0.00
N ILE A 235 6.53 15.92 -1.17
CA ILE A 235 7.72 15.10 -1.42
C ILE A 235 8.91 15.64 -0.63
N GLN A 236 9.03 16.96 -0.51
CA GLN A 236 10.13 17.53 0.27
C GLN A 236 10.04 17.12 1.73
N ARG A 237 8.84 17.16 2.30
CA ARG A 237 8.66 16.73 3.68
C ARG A 237 8.95 15.24 3.85
N MET A 238 8.61 14.43 2.84
CA MET A 238 8.95 13.02 2.89
C MET A 238 10.46 12.82 2.86
N HIS A 239 11.17 13.59 2.04
CA HIS A 239 12.62 13.48 1.98
C HIS A 239 13.26 14.00 3.26
N LEU A 240 12.78 15.13 3.79
CA LEU A 240 13.31 15.67 5.03
C LEU A 240 13.09 14.70 6.20
N ARG A 241 11.91 14.10 6.26
CA ARG A 241 11.60 13.15 7.32
C ARG A 241 12.49 11.91 7.23
N GLN A 242 12.78 11.47 6.00
CA GLN A 242 13.61 10.28 5.81
C GLN A 242 15.03 10.52 6.31
N TYR A 243 15.55 11.73 6.19
CA TYR A 243 16.91 12.05 6.62
C TYR A 243 16.96 12.56 8.06
N GLU A 244 15.90 12.35 8.83
CA GLU A 244 15.80 12.79 10.22
C GLU A 244 15.98 14.30 10.35
N LEU A 245 15.55 15.04 9.34
CA LEU A 245 15.56 16.50 9.38
C LEU A 245 14.21 17.09 9.70
N LEU A 246 13.23 16.26 10.02
CA LEU A 246 11.88 16.71 10.26
C LEU A 246 11.16 15.71 11.15
N SER B 12 -48.98 -2.68 3.40
CA SER B 12 -49.72 -3.91 3.62
C SER B 12 -49.06 -5.08 2.93
N GLU B 13 -49.08 -5.07 1.59
CA GLU B 13 -48.45 -6.14 0.83
C GLU B 13 -46.95 -6.17 1.04
N LEU B 14 -46.30 -4.99 1.06
CA LEU B 14 -44.86 -4.93 1.27
C LEU B 14 -44.49 -5.43 2.67
N ASP B 15 -45.26 -5.03 3.69
CA ASP B 15 -44.98 -5.48 5.05
C ASP B 15 -45.14 -6.99 5.17
N GLN B 16 -46.17 -7.54 4.53
CA GLN B 16 -46.39 -8.99 4.58
C GLN B 16 -45.26 -9.73 3.89
N LEU B 17 -44.79 -9.22 2.75
CA LEU B 17 -43.76 -9.93 1.99
C LEU B 17 -42.44 -10.01 2.76
N ARG B 18 -42.02 -8.90 3.39
CA ARG B 18 -40.77 -8.94 4.13
C ARG B 18 -40.87 -9.83 5.36
N GLN B 19 -42.08 -10.07 5.87
CA GLN B 19 -42.26 -11.05 6.94
C GLN B 19 -42.12 -12.47 6.40
N GLU B 20 -42.59 -12.69 5.17
CA GLU B 20 -42.45 -14.02 4.56
C GLU B 20 -41.00 -14.37 4.29
N ALA B 21 -40.17 -13.37 3.97
CA ALA B 21 -38.74 -13.61 3.78
C ALA B 21 -38.10 -14.11 5.06
N GLU B 22 -38.46 -13.52 6.21
CA GLU B 22 -37.93 -13.99 7.49
C GLU B 22 -38.35 -15.43 7.77
N GLN B 23 -39.60 -15.78 7.45
CA GLN B 23 -40.04 -17.15 7.63
C GLN B 23 -39.26 -18.11 6.73
N LEU B 24 -39.01 -17.69 5.48
CA LEU B 24 -38.24 -18.54 4.58
C LEU B 24 -36.79 -18.67 5.04
N LYS B 25 -36.20 -17.59 5.55
CA LYS B 25 -34.84 -17.65 6.06
C LYS B 25 -34.75 -18.59 7.25
N ASN B 26 -35.74 -18.54 8.15
CA ASN B 26 -35.77 -19.48 9.28
C ASN B 26 -35.97 -20.91 8.78
N GLN B 27 -36.77 -21.09 7.73
CA GLN B 27 -36.97 -22.43 7.18
C GLN B 27 -35.67 -22.98 6.62
N ILE B 28 -34.90 -22.16 5.92
CA ILE B 28 -33.61 -22.60 5.40
C ILE B 28 -32.64 -22.89 6.53
N ARG B 29 -32.61 -22.01 7.53
CA ARG B 29 -31.68 -22.21 8.65
C ARG B 29 -31.99 -23.48 9.42
N ASP B 30 -33.28 -23.78 9.62
CA ASP B 30 -33.64 -25.05 10.26
C ASP B 30 -33.26 -26.24 9.40
N ALA B 31 -33.43 -26.13 8.08
CA ALA B 31 -33.08 -27.25 7.20
C ALA B 31 -31.59 -27.53 7.23
N ARG B 32 -30.76 -26.48 7.23
CA ARG B 32 -29.33 -26.68 7.33
C ARG B 32 -28.93 -27.26 8.68
N LYS B 33 -29.57 -26.80 9.75
CA LYS B 33 -29.28 -27.33 11.08
C LYS B 33 -29.69 -28.79 11.20
N ALA B 34 -30.73 -29.20 10.47
CA ALA B 34 -31.18 -30.59 10.51
C ALA B 34 -30.12 -31.55 9.99
N CYS B 35 -29.43 -31.17 8.92
CA CYS B 35 -28.41 -32.02 8.32
C CYS B 35 -27.02 -31.79 8.92
N ALA B 36 -26.90 -30.94 9.92
CA ALA B 36 -25.62 -30.72 10.61
C ALA B 36 -25.42 -31.73 11.73
N ASP B 37 -25.48 -33.00 11.35
CA ASP B 37 -25.35 -34.08 12.33
C ASP B 37 -23.97 -34.09 12.98
N ALA B 38 -22.92 -33.86 12.19
CA ALA B 38 -21.55 -33.88 12.69
C ALA B 38 -20.83 -32.63 12.21
N THR B 39 -19.58 -32.49 12.64
CA THR B 39 -18.72 -31.40 12.22
C THR B 39 -17.53 -31.96 11.45
N LEU B 40 -17.07 -31.21 10.45
CA LEU B 40 -15.89 -31.61 9.71
C LEU B 40 -14.68 -31.77 10.63
N SER B 41 -14.59 -30.93 11.66
CA SER B 41 -13.49 -31.06 12.62
C SER B 41 -13.54 -32.40 13.34
N GLN B 42 -14.73 -32.84 13.75
CA GLN B 42 -14.86 -34.14 14.40
C GLN B 42 -14.54 -35.28 13.44
N ILE B 43 -14.95 -35.15 12.17
CA ILE B 43 -14.73 -36.23 11.22
C ILE B 43 -13.23 -36.42 10.96
N THR B 44 -12.50 -35.32 10.84
CA THR B 44 -11.09 -35.37 10.47
C THR B 44 -10.16 -35.29 11.67
N ASN B 45 -10.67 -35.55 12.87
CA ASN B 45 -9.82 -35.52 14.06
C ASN B 45 -8.83 -36.68 14.06
N ASN B 46 -9.24 -37.84 13.59
CA ASN B 46 -8.40 -39.04 13.65
C ASN B 46 -7.22 -38.97 12.69
N ILE B 47 -7.40 -38.35 11.52
CA ILE B 47 -6.36 -38.36 10.51
C ILE B 47 -5.13 -37.59 11.00
N ASP B 48 -3.96 -38.01 10.53
CA ASP B 48 -2.72 -37.39 10.96
C ASP B 48 -2.57 -36.02 10.31
N PRO B 49 -1.90 -35.09 10.99
CA PRO B 49 -1.68 -33.76 10.40
C PRO B 49 -0.68 -33.81 9.26
N VAL B 50 -0.72 -32.76 8.43
CA VAL B 50 0.21 -32.64 7.32
C VAL B 50 1.62 -32.29 7.75
N GLY B 51 1.82 -31.99 9.03
CA GLY B 51 3.13 -31.58 9.49
C GLY B 51 3.40 -30.11 9.17
N ARG B 52 4.68 -29.77 9.16
CA ARG B 52 5.11 -28.43 8.82
C ARG B 52 5.37 -28.35 7.32
N ILE B 53 4.76 -27.39 6.66
CA ILE B 53 4.91 -27.17 5.22
C ILE B 53 5.95 -26.08 5.02
N GLN B 54 7.09 -26.45 4.47
CA GLN B 54 8.18 -25.52 4.19
C GLN B 54 8.29 -25.33 2.69
N MET B 55 8.12 -24.09 2.24
CA MET B 55 8.25 -23.74 0.83
C MET B 55 9.31 -22.65 0.67
N ARG B 56 10.14 -22.79 -0.35
CA ARG B 56 11.17 -21.81 -0.66
C ARG B 56 10.79 -21.04 -1.91
N THR B 57 11.30 -19.81 -2.01
CA THR B 57 11.10 -18.99 -3.20
C THR B 57 12.03 -19.50 -4.28
N ARG B 58 11.47 -20.24 -5.25
CA ARG B 58 12.27 -20.72 -6.37
C ARG B 58 12.54 -19.62 -7.39
N ARG B 59 11.55 -18.77 -7.66
CA ARG B 59 11.67 -17.72 -8.65
C ARG B 59 11.13 -16.42 -8.09
N THR B 60 11.74 -15.31 -8.50
CA THR B 60 11.21 -13.97 -8.26
C THR B 60 11.06 -13.28 -9.60
N LEU B 61 9.84 -12.89 -9.93
CA LEU B 61 9.53 -12.25 -11.20
C LEU B 61 9.55 -10.74 -11.02
N ARG B 62 10.54 -10.09 -11.64
CA ARG B 62 10.75 -8.65 -11.53
C ARG B 62 10.48 -7.99 -12.88
N GLY B 63 9.99 -6.76 -12.84
CA GLY B 63 9.69 -6.03 -14.06
C GLY B 63 8.44 -5.17 -13.99
N HIS B 64 7.47 -5.59 -13.18
CA HIS B 64 6.34 -4.71 -12.87
C HIS B 64 6.83 -3.51 -12.05
N LEU B 65 6.32 -2.33 -12.38
CA LEU B 65 6.76 -1.11 -11.75
C LEU B 65 5.71 -0.52 -10.82
N ALA B 66 4.68 -1.28 -10.48
CA ALA B 66 3.65 -0.82 -9.56
C ALA B 66 3.08 -2.04 -8.86
N LYS B 67 2.06 -1.80 -8.04
CA LYS B 67 1.38 -2.87 -7.32
C LYS B 67 0.83 -3.90 -8.29
N ILE B 68 1.14 -5.16 -8.05
CA ILE B 68 0.54 -6.27 -8.77
C ILE B 68 -0.83 -6.55 -8.17
N TYR B 69 -1.86 -6.62 -9.02
CA TYR B 69 -3.22 -6.80 -8.55
C TYR B 69 -3.80 -8.17 -8.84
N ALA B 70 -3.28 -8.89 -9.83
CA ALA B 70 -3.85 -10.18 -10.20
C ALA B 70 -2.80 -11.01 -10.92
N MET B 71 -2.96 -12.32 -10.83
CA MET B 71 -2.17 -13.26 -11.61
C MET B 71 -3.03 -14.47 -11.93
N HIS B 72 -2.69 -15.15 -13.02
CA HIS B 72 -3.37 -16.39 -13.36
C HIS B 72 -2.43 -17.31 -14.13
N TRP B 73 -2.30 -18.54 -13.67
CA TRP B 73 -1.51 -19.54 -14.38
C TRP B 73 -2.20 -19.99 -15.65
N GLY B 74 -1.39 -20.28 -16.67
CA GLY B 74 -1.89 -21.04 -17.79
C GLY B 74 -2.01 -22.52 -17.47
N THR B 75 -2.73 -23.24 -18.33
CA THR B 75 -3.01 -24.65 -18.05
C THR B 75 -1.80 -25.55 -18.24
N ASP B 76 -0.74 -25.06 -18.89
CA ASP B 76 0.48 -25.83 -19.05
C ASP B 76 1.36 -25.79 -17.80
N SER B 77 0.95 -25.06 -16.77
CA SER B 77 1.67 -24.98 -15.49
C SER B 77 3.06 -24.37 -15.64
N ARG B 78 3.32 -23.70 -16.75
CA ARG B 78 4.61 -23.08 -16.99
C ARG B 78 4.50 -21.59 -17.29
N LEU B 79 3.50 -21.19 -18.08
CA LEU B 79 3.27 -19.78 -18.38
C LEU B 79 2.25 -19.20 -17.41
N LEU B 80 2.46 -17.96 -17.02
CA LEU B 80 1.51 -17.25 -16.18
C LEU B 80 1.43 -15.80 -16.63
N VAL B 81 0.28 -15.18 -16.38
CA VAL B 81 0.04 -13.79 -16.71
C VAL B 81 -0.20 -13.03 -15.42
N SER B 82 0.42 -11.86 -15.29
CA SER B 82 0.24 -11.00 -14.14
C SER B 82 -0.16 -9.61 -14.60
N ALA B 83 -0.99 -8.95 -13.80
CA ALA B 83 -1.45 -7.60 -14.08
C ALA B 83 -0.98 -6.66 -12.98
N SER B 84 -0.51 -5.49 -13.38
CA SER B 84 -0.08 -4.47 -12.44
C SER B 84 -0.72 -3.15 -12.84
N GLN B 85 -0.81 -2.25 -11.87
CA GLN B 85 -1.40 -0.94 -12.10
C GLN B 85 -0.39 0.07 -12.61
N ASP B 86 0.72 -0.39 -13.17
CA ASP B 86 1.54 0.40 -14.07
C ASP B 86 1.03 0.32 -15.52
N GLY B 87 -0.16 -0.25 -15.72
CA GLY B 87 -0.71 -0.42 -17.05
C GLY B 87 -0.05 -1.49 -17.89
N LYS B 88 0.47 -2.54 -17.26
CA LYS B 88 1.21 -3.58 -17.98
C LYS B 88 0.66 -4.96 -17.66
N LEU B 89 0.31 -5.71 -18.70
CA LEU B 89 0.08 -7.14 -18.60
C LEU B 89 1.36 -7.85 -19.03
N ILE B 90 1.91 -8.70 -18.17
CA ILE B 90 3.14 -9.44 -18.47
C ILE B 90 2.85 -10.92 -18.43
N ILE B 91 3.33 -11.64 -19.43
CA ILE B 91 3.28 -13.10 -19.48
C ILE B 91 4.67 -13.63 -19.23
N TRP B 92 4.81 -14.48 -18.21
CA TRP B 92 6.10 -14.98 -17.76
C TRP B 92 6.27 -16.44 -18.11
N ASP B 93 7.48 -16.80 -18.49
CA ASP B 93 7.91 -18.21 -18.51
C ASP B 93 8.48 -18.50 -17.13
N SER B 94 7.71 -19.20 -16.30
CA SER B 94 8.11 -19.37 -14.90
C SER B 94 9.35 -20.24 -14.75
N TYR B 95 9.60 -21.15 -15.70
CA TYR B 95 10.77 -22.01 -15.59
C TYR B 95 12.06 -21.22 -15.76
N THR B 96 12.07 -20.25 -16.66
CA THR B 96 13.27 -19.49 -16.98
C THR B 96 13.24 -18.05 -16.48
N THR B 97 12.11 -17.59 -15.95
CA THR B 97 11.83 -16.20 -15.59
C THR B 97 11.87 -15.25 -16.78
N ASN B 98 11.91 -15.79 -18.00
CA ASN B 98 11.84 -14.93 -19.19
C ASN B 98 10.45 -14.34 -19.33
N LYS B 99 10.39 -13.09 -19.78
CA LYS B 99 9.13 -12.45 -20.11
C LYS B 99 8.75 -12.80 -21.54
N VAL B 100 7.61 -13.47 -21.71
CA VAL B 100 7.16 -13.86 -23.04
C VAL B 100 6.47 -12.69 -23.74
N HIS B 101 5.64 -11.96 -23.02
CA HIS B 101 4.96 -10.79 -23.57
C HIS B 101 4.88 -9.70 -22.52
N ALA B 102 4.74 -8.46 -22.99
CA ALA B 102 4.43 -7.32 -22.13
C ALA B 102 3.38 -6.49 -22.86
N ILE B 103 2.14 -6.54 -22.39
CA ILE B 103 1.02 -5.90 -23.07
C ILE B 103 0.74 -4.56 -22.38
N PRO B 104 0.95 -3.43 -23.04
CA PRO B 104 0.56 -2.14 -22.44
C PRO B 104 -0.95 -1.96 -22.49
N LEU B 105 -1.52 -1.67 -21.33
CA LEU B 105 -2.96 -1.52 -21.20
C LEU B 105 -3.39 -0.08 -21.46
N ARG B 106 -4.53 0.06 -22.14
CA ARG B 106 -5.07 1.40 -22.39
C ARG B 106 -5.46 2.10 -21.09
N SER B 107 -6.03 1.35 -20.15
CA SER B 107 -6.34 1.86 -18.82
C SER B 107 -5.45 1.15 -17.81
N SER B 108 -4.72 1.94 -17.01
CA SER B 108 -3.74 1.37 -16.10
C SER B 108 -4.36 0.85 -14.81
N TRP B 109 -5.64 1.10 -14.56
CA TRP B 109 -6.25 0.72 -13.29
C TRP B 109 -6.83 -0.69 -13.35
N VAL B 110 -6.01 -1.64 -13.77
CA VAL B 110 -6.43 -3.01 -13.97
C VAL B 110 -6.56 -3.69 -12.61
N MET B 111 -7.58 -4.53 -12.46
CA MET B 111 -7.82 -5.23 -11.22
C MET B 111 -7.82 -6.75 -11.35
N THR B 112 -7.99 -7.29 -12.55
CA THR B 112 -8.08 -8.73 -12.75
C THR B 112 -7.41 -9.11 -14.06
N CYS B 113 -7.00 -10.37 -14.15
CA CYS B 113 -6.48 -10.93 -15.39
C CYS B 113 -6.79 -12.41 -15.42
N ALA B 114 -6.97 -12.94 -16.63
CA ALA B 114 -7.28 -14.35 -16.82
C ALA B 114 -6.50 -14.91 -17.99
N TYR B 115 -6.05 -16.15 -17.85
CA TYR B 115 -5.38 -16.90 -18.91
C TYR B 115 -6.36 -17.93 -19.46
N ALA B 116 -6.57 -17.90 -20.76
CA ALA B 116 -7.48 -18.86 -21.38
C ALA B 116 -6.92 -20.28 -21.24
N PRO B 117 -7.78 -21.28 -21.04
CA PRO B 117 -7.27 -22.66 -20.94
C PRO B 117 -6.56 -23.14 -22.20
N SER B 118 -6.90 -22.61 -23.36
CA SER B 118 -6.18 -22.96 -24.57
C SER B 118 -4.80 -22.32 -24.63
N GLY B 119 -4.60 -21.22 -23.90
CA GLY B 119 -3.35 -20.50 -23.92
C GLY B 119 -3.25 -19.45 -25.02
N ASN B 120 -4.28 -19.29 -25.83
CA ASN B 120 -4.26 -18.37 -26.95
C ASN B 120 -4.73 -16.96 -26.59
N TYR B 121 -5.35 -16.78 -25.42
CA TYR B 121 -5.93 -15.49 -25.07
C TYR B 121 -5.65 -15.17 -23.61
N VAL B 122 -5.59 -13.87 -23.33
CA VAL B 122 -5.60 -13.35 -21.96
C VAL B 122 -6.64 -12.25 -21.89
N ALA B 123 -7.14 -12.03 -20.69
CA ALA B 123 -8.18 -11.05 -20.44
C ALA B 123 -7.79 -10.23 -19.23
N CYS B 124 -8.27 -8.99 -19.20
CA CYS B 124 -7.99 -8.12 -18.07
C CYS B 124 -9.04 -7.01 -18.04
N GLY B 125 -9.10 -6.32 -16.91
CA GLY B 125 -10.00 -5.20 -16.76
C GLY B 125 -10.01 -4.67 -15.34
N GLY B 126 -10.35 -3.41 -15.18
CA GLY B 126 -10.37 -2.79 -13.87
C GLY B 126 -11.43 -1.72 -13.72
N LEU B 127 -11.00 -0.54 -13.26
CA LEU B 127 -11.90 0.59 -13.07
C LEU B 127 -12.48 1.13 -14.37
N ASP B 128 -12.02 0.66 -15.52
CA ASP B 128 -12.58 1.09 -16.79
C ASP B 128 -13.88 0.38 -17.16
N ASN B 129 -14.33 -0.57 -16.34
CA ASN B 129 -15.61 -1.27 -16.53
C ASN B 129 -15.63 -2.10 -17.80
N ILE B 130 -14.46 -2.48 -18.31
CA ILE B 130 -14.32 -3.18 -19.59
C ILE B 130 -13.49 -4.44 -19.35
N CYS B 131 -13.91 -5.54 -19.98
CA CYS B 131 -13.10 -6.76 -20.03
C CYS B 131 -12.47 -6.83 -21.43
N SER B 132 -11.16 -6.66 -21.50
CA SER B 132 -10.45 -6.64 -22.78
C SER B 132 -9.83 -8.01 -23.02
N ILE B 133 -10.05 -8.54 -24.22
CA ILE B 133 -9.51 -9.84 -24.62
C ILE B 133 -8.33 -9.58 -25.56
N TYR B 134 -7.20 -10.21 -25.28
CA TYR B 134 -5.99 -10.05 -26.06
C TYR B 134 -5.63 -11.36 -26.73
N ASN B 135 -5.36 -11.31 -28.03
CA ASN B 135 -4.98 -12.49 -28.80
C ASN B 135 -3.47 -12.65 -28.74
N LEU B 136 -3.01 -13.79 -28.23
CA LEU B 136 -1.59 -14.07 -28.10
C LEU B 136 -0.99 -14.72 -29.33
N LYS B 137 -1.82 -15.31 -30.18
CA LYS B 137 -1.36 -16.04 -31.36
C LYS B 137 -1.85 -15.33 -32.61
N THR B 138 -1.07 -14.36 -33.08
CA THR B 138 -1.37 -13.64 -34.30
C THR B 138 -0.23 -13.84 -35.30
N ARG B 139 -0.57 -13.81 -36.59
CA ARG B 139 0.44 -13.91 -37.63
C ARG B 139 1.38 -12.70 -37.66
N GLU B 140 0.97 -11.58 -37.06
CA GLU B 140 1.80 -10.38 -37.06
C GLU B 140 2.89 -10.42 -36.00
N GLY B 141 2.83 -11.36 -35.07
CA GLY B 141 3.87 -11.50 -34.07
C GLY B 141 3.72 -10.63 -32.86
N ASN B 142 2.63 -9.88 -32.74
CA ASN B 142 2.39 -9.03 -31.59
C ASN B 142 1.03 -9.33 -30.99
N VAL B 143 0.87 -8.98 -29.72
CA VAL B 143 -0.41 -9.12 -29.03
C VAL B 143 -1.26 -7.90 -29.34
N ARG B 144 -2.50 -8.14 -29.78
CA ARG B 144 -3.44 -7.08 -30.09
C ARG B 144 -4.74 -7.31 -29.33
N VAL B 145 -5.45 -6.22 -29.07
CA VAL B 145 -6.79 -6.31 -28.50
C VAL B 145 -7.72 -6.93 -29.53
N SER B 146 -8.39 -8.01 -29.17
CA SER B 146 -9.37 -8.64 -30.03
C SER B 146 -10.80 -8.28 -29.68
N ARG B 147 -11.10 -8.02 -28.41
CA ARG B 147 -12.45 -7.68 -27.99
C ARG B 147 -12.39 -6.80 -26.75
N GLU B 148 -13.33 -5.86 -26.67
CA GLU B 148 -13.59 -5.09 -25.46
C GLU B 148 -15.03 -5.31 -25.06
N LEU B 149 -15.24 -5.99 -23.94
CA LEU B 149 -16.58 -6.37 -23.49
C LEU B 149 -17.14 -5.25 -22.62
N ALA B 150 -18.05 -4.46 -23.19
CA ALA B 150 -18.69 -3.37 -22.48
C ALA B 150 -20.10 -3.75 -22.08
N GLY B 151 -20.58 -3.15 -20.99
CA GLY B 151 -21.89 -3.46 -20.47
C GLY B 151 -21.98 -3.42 -18.96
N HIS B 152 -20.87 -3.66 -18.27
CA HIS B 152 -20.84 -3.48 -16.83
C HIS B 152 -20.82 -1.99 -16.48
N THR B 153 -21.55 -1.62 -15.43
CA THR B 153 -21.58 -0.25 -14.95
C THR B 153 -20.70 -0.04 -13.72
N GLY B 154 -19.87 -1.03 -13.37
CA GLY B 154 -18.91 -0.89 -12.30
C GLY B 154 -17.59 -1.51 -12.70
N TYR B 155 -16.62 -1.40 -11.80
CA TYR B 155 -15.28 -1.90 -12.09
C TYR B 155 -15.29 -3.42 -12.25
N LEU B 156 -14.38 -3.91 -13.07
CA LEU B 156 -14.21 -5.35 -13.27
C LEU B 156 -13.32 -5.91 -12.18
N SER B 157 -13.86 -6.85 -11.39
CA SER B 157 -13.11 -7.41 -10.28
C SER B 157 -12.50 -8.77 -10.60
N CYS B 158 -13.16 -9.59 -11.42
CA CYS B 158 -12.62 -10.89 -11.76
C CYS B 158 -13.19 -11.34 -13.09
N CYS B 159 -12.44 -12.19 -13.79
CA CYS B 159 -12.87 -12.75 -15.07
C CYS B 159 -12.22 -14.12 -15.23
N ARG B 160 -12.95 -15.04 -15.84
CA ARG B 160 -12.44 -16.38 -16.07
C ARG B 160 -12.99 -16.92 -17.38
N PHE B 161 -12.10 -17.43 -18.23
CA PHE B 161 -12.52 -18.07 -19.47
C PHE B 161 -13.18 -19.41 -19.20
N LEU B 162 -14.27 -19.68 -19.92
CA LEU B 162 -14.80 -21.03 -20.00
C LEU B 162 -14.19 -21.78 -21.18
N ASP B 163 -14.02 -21.09 -22.29
CA ASP B 163 -13.34 -21.58 -23.48
C ASP B 163 -12.87 -20.37 -24.26
N ASP B 164 -12.48 -20.57 -25.52
CA ASP B 164 -11.99 -19.47 -26.32
C ASP B 164 -13.08 -18.46 -26.67
N ASN B 165 -14.35 -18.84 -26.52
CA ASN B 165 -15.46 -17.96 -26.92
C ASN B 165 -16.31 -17.45 -25.76
N GLN B 166 -16.21 -18.05 -24.58
CA GLN B 166 -17.02 -17.65 -23.44
C GLN B 166 -16.14 -17.26 -22.25
N ILE B 167 -16.56 -16.22 -21.54
CA ILE B 167 -15.88 -15.77 -20.34
C ILE B 167 -16.92 -15.24 -19.36
N VAL B 168 -16.68 -15.46 -18.07
CA VAL B 168 -17.54 -14.97 -17.00
C VAL B 168 -16.79 -13.85 -16.29
N THR B 169 -17.47 -12.73 -16.07
CA THR B 169 -16.90 -11.58 -15.39
C THR B 169 -17.74 -11.20 -14.17
N SER B 170 -17.08 -10.80 -13.10
CA SER B 170 -17.74 -10.21 -11.95
C SER B 170 -17.38 -8.74 -11.86
N SER B 171 -18.34 -7.92 -11.46
CA SER B 171 -18.18 -6.47 -11.48
C SER B 171 -18.54 -5.86 -10.13
N GLY B 172 -18.16 -4.61 -9.97
CA GLY B 172 -18.56 -3.82 -8.82
C GLY B 172 -19.95 -3.26 -8.90
N ASP B 173 -20.67 -3.50 -9.99
CA ASP B 173 -22.07 -3.14 -10.11
C ASP B 173 -22.99 -4.23 -9.58
N THR B 174 -22.48 -5.13 -8.74
CA THR B 174 -23.21 -6.17 -8.00
C THR B 174 -23.66 -7.32 -8.90
N THR B 175 -23.21 -7.39 -10.14
CA THR B 175 -23.65 -8.42 -11.06
C THR B 175 -22.47 -9.17 -11.66
N CYS B 176 -22.72 -10.43 -12.02
CA CYS B 176 -21.82 -11.21 -12.84
C CYS B 176 -22.44 -11.38 -14.22
N ALA B 177 -21.59 -11.57 -15.23
CA ALA B 177 -22.07 -11.72 -16.59
C ALA B 177 -21.32 -12.83 -17.31
N LEU B 178 -22.04 -13.55 -18.17
CA LEU B 178 -21.43 -14.49 -19.11
C LEU B 178 -21.44 -13.86 -20.50
N TRP B 179 -20.28 -13.85 -21.15
CA TRP B 179 -20.09 -13.13 -22.40
C TRP B 179 -19.83 -14.10 -23.54
N ASP B 180 -20.37 -13.78 -24.72
CA ASP B 180 -19.97 -14.41 -25.97
C ASP B 180 -18.91 -13.51 -26.61
N ILE B 181 -17.67 -13.97 -26.64
CA ILE B 181 -16.57 -13.11 -27.06
C ILE B 181 -16.69 -12.75 -28.53
N GLU B 182 -17.14 -13.70 -29.36
CA GLU B 182 -17.20 -13.43 -30.80
C GLU B 182 -18.19 -12.31 -31.11
N THR B 183 -19.35 -12.31 -30.47
CA THR B 183 -20.34 -11.27 -30.68
C THR B 183 -20.16 -10.08 -29.74
N GLY B 184 -19.38 -10.21 -28.68
CA GLY B 184 -19.16 -9.11 -27.78
C GLY B 184 -20.31 -8.78 -26.87
N GLN B 185 -21.32 -9.65 -26.80
CA GLN B 185 -22.52 -9.41 -26.01
C GLN B 185 -22.58 -10.39 -24.84
N GLN B 186 -23.13 -9.93 -23.74
CA GLN B 186 -23.32 -10.78 -22.56
C GLN B 186 -24.60 -11.58 -22.73
N THR B 187 -24.47 -12.90 -22.89
CA THR B 187 -25.64 -13.75 -23.11
C THR B 187 -26.47 -13.88 -21.84
N THR B 188 -25.83 -13.99 -20.69
CA THR B 188 -26.52 -14.16 -19.42
C THR B 188 -25.98 -13.17 -18.41
N THR B 189 -26.89 -12.61 -17.61
CA THR B 189 -26.54 -11.72 -16.50
C THR B 189 -26.98 -12.37 -15.20
N PHE B 190 -26.08 -12.43 -14.24
CA PHE B 190 -26.32 -13.07 -12.95
C PHE B 190 -26.50 -11.99 -11.90
N THR B 191 -27.75 -11.77 -11.46
CA THR B 191 -28.08 -10.75 -10.50
C THR B 191 -28.55 -11.37 -9.20
N GLY B 192 -28.37 -10.62 -8.11
CA GLY B 192 -28.80 -11.08 -6.81
C GLY B 192 -27.89 -10.64 -5.68
N HIS B 193 -26.65 -10.31 -6.00
CA HIS B 193 -25.75 -9.73 -5.00
C HIS B 193 -26.15 -8.29 -4.73
N THR B 194 -26.13 -7.90 -3.46
CA THR B 194 -26.41 -6.54 -3.06
C THR B 194 -25.15 -5.71 -2.84
N GLY B 195 -23.97 -6.30 -3.02
CA GLY B 195 -22.71 -5.57 -2.91
C GLY B 195 -21.80 -5.88 -4.08
N ASP B 196 -20.63 -5.25 -4.06
CA ASP B 196 -19.65 -5.43 -5.12
C ASP B 196 -19.18 -6.88 -5.16
N VAL B 197 -19.33 -7.53 -6.31
CA VAL B 197 -18.82 -8.87 -6.49
C VAL B 197 -17.31 -8.76 -6.69
N MET B 198 -16.54 -9.40 -5.81
CA MET B 198 -15.09 -9.22 -5.82
C MET B 198 -14.34 -10.37 -6.46
N SER B 199 -14.93 -11.55 -6.54
CA SER B 199 -14.22 -12.71 -7.06
C SER B 199 -15.22 -13.73 -7.57
N LEU B 200 -14.73 -14.63 -8.42
CA LEU B 200 -15.51 -15.79 -8.84
C LEU B 200 -14.55 -16.95 -9.10
N SER B 201 -15.08 -18.15 -8.98
CA SER B 201 -14.32 -19.36 -9.27
C SER B 201 -15.18 -20.30 -10.10
N LEU B 202 -14.57 -20.89 -11.12
CA LEU B 202 -15.27 -21.83 -11.99
C LEU B 202 -15.16 -23.25 -11.46
N ALA B 203 -16.25 -24.00 -11.57
CA ALA B 203 -16.21 -25.42 -11.26
C ALA B 203 -15.38 -26.16 -12.31
N PRO B 204 -14.78 -27.29 -11.95
CA PRO B 204 -13.93 -28.00 -12.91
C PRO B 204 -14.65 -28.39 -14.19
N ASP B 205 -15.95 -28.69 -14.13
CA ASP B 205 -16.72 -29.01 -15.32
C ASP B 205 -17.29 -27.77 -16.01
N THR B 206 -17.07 -26.58 -15.44
CA THR B 206 -17.50 -25.31 -16.03
C THR B 206 -19.01 -25.26 -16.25
N ARG B 207 -19.77 -25.99 -15.44
CA ARG B 207 -21.22 -25.89 -15.46
C ARG B 207 -21.76 -25.01 -14.35
N LEU B 208 -20.97 -24.76 -13.31
CA LEU B 208 -21.34 -23.90 -12.20
C LEU B 208 -20.17 -22.98 -11.88
N PHE B 209 -20.48 -21.88 -11.21
CA PHE B 209 -19.44 -21.03 -10.64
C PHE B 209 -19.97 -20.35 -9.40
N VAL B 210 -19.09 -20.14 -8.44
CA VAL B 210 -19.40 -19.44 -7.19
C VAL B 210 -18.80 -18.05 -7.26
N SER B 211 -19.49 -17.09 -6.65
CA SER B 211 -19.02 -15.72 -6.56
C SER B 211 -19.17 -15.20 -5.14
N GLY B 212 -18.19 -14.44 -4.69
CA GLY B 212 -18.23 -13.78 -3.38
C GLY B 212 -18.29 -12.28 -3.55
N ALA B 213 -19.18 -11.65 -2.80
CA ALA B 213 -19.42 -10.22 -2.92
C ALA B 213 -19.14 -9.51 -1.61
N CYS B 214 -19.38 -8.20 -1.61
CA CYS B 214 -19.21 -7.36 -0.44
C CYS B 214 -20.43 -7.33 0.46
N ASP B 215 -21.49 -8.04 0.11
CA ASP B 215 -22.61 -8.29 1.02
C ASP B 215 -22.36 -9.48 1.94
N ALA B 216 -21.11 -9.93 2.04
CA ALA B 216 -20.70 -11.01 2.93
C ALA B 216 -21.38 -12.34 2.58
N SER B 217 -21.75 -12.52 1.32
CA SER B 217 -22.44 -13.73 0.89
C SER B 217 -21.79 -14.31 -0.36
N ALA B 218 -21.88 -15.63 -0.48
CA ALA B 218 -21.38 -16.36 -1.64
C ALA B 218 -22.55 -17.04 -2.33
N LYS B 219 -22.70 -16.83 -3.62
CA LYS B 219 -23.79 -17.40 -4.40
C LYS B 219 -23.27 -18.41 -5.41
N LEU B 220 -24.00 -19.51 -5.54
CA LEU B 220 -23.70 -20.56 -6.51
C LEU B 220 -24.61 -20.35 -7.72
N TRP B 221 -24.00 -20.20 -8.89
CA TRP B 221 -24.72 -19.88 -10.11
C TRP B 221 -24.67 -21.03 -11.10
N ASP B 222 -25.77 -21.24 -11.80
CA ASP B 222 -25.82 -22.18 -12.91
C ASP B 222 -25.48 -21.43 -14.19
N VAL B 223 -24.45 -21.89 -14.91
CA VAL B 223 -23.99 -21.18 -16.09
C VAL B 223 -25.05 -21.24 -17.19
N ARG B 224 -25.57 -22.43 -17.47
CA ARG B 224 -26.53 -22.60 -18.56
C ARG B 224 -27.88 -21.99 -18.22
N GLU B 225 -28.38 -22.27 -17.01
CA GLU B 225 -29.71 -21.80 -16.64
C GLU B 225 -29.70 -20.30 -16.33
N GLY B 226 -28.64 -19.81 -15.70
CA GLY B 226 -28.49 -18.39 -15.48
C GLY B 226 -29.12 -17.84 -14.22
N MET B 227 -29.46 -18.69 -13.26
CA MET B 227 -30.05 -18.26 -12.00
C MET B 227 -29.18 -18.71 -10.84
N CYS B 228 -29.44 -18.11 -9.68
CA CYS B 228 -28.72 -18.48 -8.46
C CYS B 228 -29.34 -19.74 -7.87
N ARG B 229 -28.52 -20.79 -7.71
CA ARG B 229 -29.02 -22.03 -7.13
C ARG B 229 -29.02 -21.98 -5.61
N GLN B 230 -27.91 -21.55 -5.01
CA GLN B 230 -27.77 -21.53 -3.56
C GLN B 230 -27.06 -20.27 -3.14
N THR B 231 -27.34 -19.84 -1.90
CA THR B 231 -26.71 -18.68 -1.29
C THR B 231 -26.03 -19.12 -0.01
N PHE B 232 -24.77 -18.73 0.16
CA PHE B 232 -23.97 -19.13 1.31
C PHE B 232 -23.60 -17.89 2.11
N THR B 233 -23.99 -17.88 3.40
CA THR B 233 -23.66 -16.80 4.31
C THR B 233 -22.88 -17.36 5.49
N GLY B 234 -22.35 -16.46 6.30
CA GLY B 234 -21.54 -16.85 7.44
C GLY B 234 -20.37 -15.93 7.68
N HIS B 235 -19.89 -15.28 6.62
CA HIS B 235 -18.87 -14.26 6.78
C HIS B 235 -19.47 -13.00 7.41
N GLU B 236 -18.63 -12.23 8.09
CA GLU B 236 -19.06 -11.01 8.76
C GLU B 236 -18.69 -9.74 8.01
N SER B 237 -17.90 -9.84 6.96
CA SER B 237 -17.48 -8.67 6.19
C SER B 237 -17.37 -9.06 4.73
N ASP B 238 -16.91 -8.12 3.90
CA ASP B 238 -16.84 -8.34 2.47
C ASP B 238 -15.98 -9.55 2.14
N ILE B 239 -16.47 -10.39 1.23
CA ILE B 239 -15.69 -11.50 0.71
C ILE B 239 -14.80 -11.00 -0.41
N ASN B 240 -13.50 -11.27 -0.31
CA ASN B 240 -12.53 -10.82 -1.29
C ASN B 240 -12.03 -11.91 -2.20
N ALA B 241 -12.14 -13.18 -1.80
CA ALA B 241 -11.57 -14.27 -2.56
C ALA B 241 -12.46 -15.49 -2.42
N ILE B 242 -12.42 -16.35 -3.45
CA ILE B 242 -13.25 -17.56 -3.47
C ILE B 242 -12.57 -18.54 -4.41
N CYS B 243 -12.66 -19.82 -4.07
CA CYS B 243 -11.97 -20.86 -4.84
C CYS B 243 -12.68 -22.19 -4.67
N PHE B 244 -12.94 -22.86 -5.77
CA PHE B 244 -13.59 -24.17 -5.74
C PHE B 244 -12.64 -25.23 -5.21
N PHE B 245 -13.21 -26.18 -4.46
CA PHE B 245 -12.46 -27.38 -4.09
C PHE B 245 -12.21 -28.21 -5.34
N PRO B 246 -11.09 -28.94 -5.40
CA PRO B 246 -10.72 -29.63 -6.65
C PRO B 246 -11.76 -30.59 -7.18
N ASN B 247 -12.62 -31.16 -6.35
CA ASN B 247 -13.67 -32.05 -6.86
C ASN B 247 -14.95 -31.31 -7.22
N GLY B 248 -15.04 -30.01 -6.96
CA GLY B 248 -16.20 -29.23 -7.32
C GLY B 248 -17.35 -29.28 -6.36
N ASN B 249 -17.23 -30.01 -5.25
CA ASN B 249 -18.30 -30.17 -4.27
C ASN B 249 -18.18 -29.20 -3.10
N ALA B 250 -17.18 -28.33 -3.10
CA ALA B 250 -16.99 -27.38 -2.01
C ALA B 250 -16.22 -26.18 -2.56
N PHE B 251 -16.21 -25.12 -1.76
CA PHE B 251 -15.41 -23.94 -2.09
C PHE B 251 -14.98 -23.27 -0.80
N ALA B 252 -13.90 -22.51 -0.88
CA ALA B 252 -13.37 -21.75 0.25
C ALA B 252 -13.42 -20.27 -0.07
N THR B 253 -13.68 -19.46 0.96
CA THR B 253 -13.76 -18.02 0.81
C THR B 253 -12.78 -17.33 1.76
N GLY B 254 -12.43 -16.10 1.42
CA GLY B 254 -11.65 -15.26 2.29
C GLY B 254 -12.27 -13.89 2.41
N SER B 255 -12.40 -13.37 3.63
CA SER B 255 -13.11 -12.12 3.87
C SER B 255 -12.20 -11.12 4.58
N ASP B 256 -12.75 -9.92 4.78
CA ASP B 256 -12.08 -8.88 5.53
C ASP B 256 -12.14 -9.12 7.03
N ASP B 257 -12.90 -10.11 7.49
CA ASP B 257 -13.02 -10.43 8.90
C ASP B 257 -11.90 -11.37 9.37
N ALA B 258 -10.81 -11.47 8.61
CA ALA B 258 -9.63 -12.25 8.98
C ALA B 258 -9.93 -13.74 9.11
N THR B 259 -10.93 -14.24 8.37
CA THR B 259 -11.30 -15.64 8.43
C THR B 259 -11.41 -16.22 7.04
N CYS B 260 -11.13 -17.52 6.94
CA CYS B 260 -11.42 -18.31 5.76
C CYS B 260 -12.43 -19.38 6.15
N ARG B 261 -13.44 -19.59 5.31
CA ARG B 261 -14.50 -20.54 5.58
C ARG B 261 -14.63 -21.51 4.42
N LEU B 262 -14.88 -22.78 4.75
CA LEU B 262 -15.09 -23.84 3.77
C LEU B 262 -16.57 -24.20 3.72
N PHE B 263 -17.22 -23.87 2.61
CA PHE B 263 -18.63 -24.19 2.41
C PHE B 263 -18.78 -25.42 1.52
N ASP B 264 -19.80 -26.21 1.81
CA ASP B 264 -20.12 -27.40 1.02
C ASP B 264 -21.36 -27.13 0.19
N LEU B 265 -21.32 -27.52 -1.09
CA LEU B 265 -22.46 -27.29 -1.97
C LEU B 265 -23.65 -28.17 -1.59
N ARG B 266 -23.40 -29.46 -1.38
CA ARG B 266 -24.51 -30.40 -1.16
C ARG B 266 -25.10 -30.26 0.22
N ALA B 267 -24.27 -30.02 1.24
CA ALA B 267 -24.80 -29.74 2.56
C ALA B 267 -25.33 -28.31 2.69
N ASP B 268 -24.98 -27.44 1.74
CA ASP B 268 -25.53 -26.09 1.66
C ASP B 268 -25.28 -25.28 2.93
N GLN B 269 -24.09 -25.43 3.49
CA GLN B 269 -23.74 -24.72 4.72
C GLN B 269 -22.24 -24.72 4.90
N GLU B 270 -21.78 -23.90 5.84
CA GLU B 270 -20.37 -23.83 6.20
C GLU B 270 -19.93 -25.09 6.92
N LEU B 271 -18.71 -25.55 6.62
CA LEU B 271 -18.15 -26.73 7.26
C LEU B 271 -16.99 -26.44 8.19
N MET B 272 -16.21 -25.40 7.93
CA MET B 272 -15.00 -25.16 8.71
C MET B 272 -14.57 -23.71 8.55
N THR B 273 -14.00 -23.16 9.62
CA THR B 273 -13.47 -21.80 9.63
C THR B 273 -11.97 -21.85 9.86
N TYR B 274 -11.24 -21.05 9.10
CA TYR B 274 -9.77 -21.00 9.18
C TYR B 274 -9.38 -19.60 9.63
N SER B 275 -9.21 -19.44 10.93
CA SER B 275 -8.83 -18.15 11.50
C SER B 275 -7.91 -18.37 12.70
N HIS B 276 -7.13 -17.35 13.01
CA HIS B 276 -6.22 -17.35 14.14
C HIS B 276 -6.39 -16.06 14.92
N ASP B 277 -6.08 -16.10 16.21
CA ASP B 277 -6.24 -14.92 17.05
C ASP B 277 -5.26 -13.82 16.68
N ASN B 278 -4.05 -14.18 16.26
CA ASN B 278 -3.09 -13.18 15.83
C ASN B 278 -3.53 -12.49 14.54
N ILE B 279 -4.31 -13.18 13.71
CA ILE B 279 -4.70 -12.64 12.41
C ILE B 279 -5.88 -11.69 12.60
N ILE B 280 -5.67 -10.42 12.27
CA ILE B 280 -6.70 -9.40 12.41
C ILE B 280 -6.83 -8.63 11.11
N CYS B 281 -6.13 -9.07 10.08
CA CYS B 281 -6.11 -8.38 8.80
C CYS B 281 -6.98 -9.11 7.79
N GLY B 282 -7.35 -8.39 6.73
CA GLY B 282 -8.21 -8.96 5.72
C GLY B 282 -7.48 -9.98 4.87
N ILE B 283 -8.26 -10.81 4.21
CA ILE B 283 -7.76 -11.86 3.32
C ILE B 283 -8.01 -11.42 1.89
N THR B 284 -7.00 -11.57 1.04
CA THR B 284 -7.06 -11.10 -0.33
C THR B 284 -7.22 -12.21 -1.35
N SER B 285 -6.67 -13.39 -1.08
CA SER B 285 -6.65 -14.46 -2.07
C SER B 285 -6.66 -15.80 -1.35
N VAL B 286 -7.29 -16.80 -1.98
CA VAL B 286 -7.35 -18.16 -1.46
C VAL B 286 -7.17 -19.12 -2.62
N SER B 287 -6.57 -20.27 -2.33
CA SER B 287 -6.39 -21.31 -3.34
C SER B 287 -6.21 -22.64 -2.63
N PHE B 288 -6.42 -23.72 -3.38
CA PHE B 288 -6.24 -25.06 -2.88
C PHE B 288 -5.05 -25.72 -3.55
N SER B 289 -4.44 -26.66 -2.85
CA SER B 289 -3.45 -27.52 -3.47
C SER B 289 -4.17 -28.54 -4.38
N LYS B 290 -3.37 -29.30 -5.13
CA LYS B 290 -3.95 -30.16 -6.16
C LYS B 290 -4.88 -31.20 -5.55
N SER B 291 -4.50 -31.78 -4.42
CA SER B 291 -5.37 -32.73 -3.72
C SER B 291 -6.41 -32.04 -2.86
N GLY B 292 -6.32 -30.73 -2.68
CA GLY B 292 -7.25 -30.00 -1.84
C GLY B 292 -6.94 -30.05 -0.37
N ARG B 293 -5.88 -30.76 0.04
CA ARG B 293 -5.56 -30.87 1.47
C ARG B 293 -5.04 -29.55 2.04
N LEU B 294 -4.42 -28.73 1.20
CA LEU B 294 -3.87 -27.45 1.64
C LEU B 294 -4.70 -26.29 1.10
N LEU B 295 -4.98 -25.33 1.96
CA LEU B 295 -5.62 -24.08 1.58
C LEU B 295 -4.63 -22.95 1.80
N LEU B 296 -4.23 -22.29 0.72
CA LEU B 296 -3.28 -21.18 0.79
C LEU B 296 -4.04 -19.87 0.70
N ALA B 297 -3.77 -18.97 1.65
CA ALA B 297 -4.49 -17.71 1.73
C ALA B 297 -3.50 -16.55 1.84
N GLY B 298 -3.75 -15.50 1.06
CA GLY B 298 -2.97 -14.28 1.15
C GLY B 298 -3.64 -13.25 2.05
N TYR B 299 -2.82 -12.48 2.76
CA TYR B 299 -3.31 -11.60 3.82
C TYR B 299 -2.78 -10.19 3.60
N ASP B 300 -3.39 -9.23 4.30
CA ASP B 300 -2.92 -7.86 4.25
C ASP B 300 -1.61 -7.66 5.00
N ASP B 301 -1.26 -8.56 5.92
CA ASP B 301 -0.04 -8.41 6.71
C ASP B 301 1.20 -8.90 5.99
N PHE B 302 1.15 -8.95 4.66
CA PHE B 302 2.25 -9.24 3.74
C PHE B 302 2.59 -10.72 3.67
N ASN B 303 1.80 -11.60 4.28
CA ASN B 303 2.15 -13.01 4.37
C ASN B 303 1.08 -13.87 3.71
N CYS B 304 1.46 -15.10 3.40
CA CYS B 304 0.57 -16.13 2.90
C CYS B 304 0.59 -17.32 3.85
N ASN B 305 -0.55 -17.64 4.43
CA ASN B 305 -0.67 -18.72 5.40
C ASN B 305 -1.20 -19.99 4.72
N VAL B 306 -0.50 -21.09 4.92
CA VAL B 306 -0.93 -22.39 4.40
C VAL B 306 -1.72 -23.10 5.48
N TRP B 307 -2.99 -23.40 5.19
CA TRP B 307 -3.88 -24.05 6.12
C TRP B 307 -4.07 -25.51 5.76
N ASP B 308 -4.32 -26.32 6.77
CA ASP B 308 -4.82 -27.67 6.56
C ASP B 308 -6.33 -27.57 6.34
N ALA B 309 -6.78 -27.89 5.13
CA ALA B 309 -8.19 -27.72 4.80
C ALA B 309 -9.07 -28.62 5.67
N LEU B 310 -8.65 -29.85 5.92
CA LEU B 310 -9.48 -30.79 6.67
C LEU B 310 -9.45 -30.51 8.17
N LYS B 311 -8.29 -30.13 8.72
CA LYS B 311 -8.13 -30.01 10.16
C LYS B 311 -8.04 -28.57 10.66
N ALA B 312 -8.09 -27.58 9.76
CA ALA B 312 -8.05 -26.17 10.14
C ALA B 312 -6.81 -25.82 10.95
N ASP B 313 -5.68 -26.41 10.58
CA ASP B 313 -4.39 -26.12 11.21
C ASP B 313 -3.52 -25.31 10.26
N ARG B 314 -2.85 -24.30 10.78
CA ARG B 314 -1.92 -23.52 9.97
C ARG B 314 -0.67 -24.35 9.71
N ALA B 315 -0.56 -24.86 8.48
CA ALA B 315 0.54 -25.76 8.14
C ALA B 315 1.86 -25.03 7.90
N GLY B 316 1.81 -23.82 7.35
CA GLY B 316 3.04 -23.11 7.08
C GLY B 316 2.75 -21.66 6.72
N VAL B 317 3.83 -20.92 6.49
CA VAL B 317 3.77 -19.49 6.17
C VAL B 317 4.69 -19.21 4.99
N LEU B 318 4.18 -18.46 4.01
CA LEU B 318 5.00 -17.91 2.92
C LEU B 318 5.25 -16.44 3.23
N ALA B 319 6.44 -16.11 3.70
CA ALA B 319 6.81 -14.74 4.06
C ALA B 319 7.91 -14.27 3.12
N GLY B 320 7.52 -13.62 2.03
CA GLY B 320 8.48 -13.13 1.07
C GLY B 320 8.15 -11.81 0.41
N HIS B 321 7.21 -11.04 0.96
CA HIS B 321 6.80 -9.79 0.38
C HIS B 321 6.82 -8.67 1.41
N ASP B 322 7.11 -7.46 0.94
CA ASP B 322 7.19 -6.28 1.79
C ASP B 322 5.93 -5.42 1.71
N ASN B 323 4.91 -5.87 1.02
CA ASN B 323 3.64 -5.15 0.95
C ASN B 323 2.51 -6.16 0.88
N ARG B 324 1.30 -5.67 0.63
CA ARG B 324 0.11 -6.51 0.63
C ARG B 324 0.27 -7.67 -0.37
N VAL B 325 -0.08 -8.87 0.07
CA VAL B 325 -0.25 -10.01 -0.84
C VAL B 325 -1.60 -9.86 -1.52
N SER B 326 -1.58 -9.50 -2.80
CA SER B 326 -2.81 -9.22 -3.53
C SER B 326 -3.39 -10.43 -4.23
N CYS B 327 -2.59 -11.44 -4.54
CA CYS B 327 -3.09 -12.58 -5.31
C CYS B 327 -2.15 -13.76 -5.13
N LEU B 328 -2.70 -14.95 -5.37
CA LEU B 328 -1.91 -16.17 -5.41
C LEU B 328 -2.64 -17.20 -6.25
N GLY B 329 -1.90 -18.21 -6.70
CA GLY B 329 -2.48 -19.26 -7.51
C GLY B 329 -1.58 -20.48 -7.55
N VAL B 330 -2.21 -21.64 -7.67
CA VAL B 330 -1.53 -22.93 -7.71
C VAL B 330 -1.66 -23.48 -9.12
N THR B 331 -0.58 -24.05 -9.65
CA THR B 331 -0.60 -24.58 -11.00
C THR B 331 -1.57 -25.75 -11.09
N ASP B 332 -1.97 -26.05 -12.34
CA ASP B 332 -2.89 -27.16 -12.57
C ASP B 332 -2.28 -28.50 -12.19
N ASP B 333 -0.97 -28.66 -12.39
CA ASP B 333 -0.31 -29.89 -11.97
C ASP B 333 0.04 -29.88 -10.50
N GLY B 334 -0.18 -28.78 -9.79
CA GLY B 334 0.07 -28.70 -8.37
C GLY B 334 1.54 -28.54 -8.00
N MET B 335 2.40 -28.24 -8.96
CA MET B 335 3.83 -28.25 -8.71
C MET B 335 4.28 -27.03 -7.91
N ALA B 336 3.68 -25.87 -8.15
CA ALA B 336 4.16 -24.64 -7.54
C ALA B 336 2.98 -23.71 -7.28
N VAL B 337 3.23 -22.71 -6.44
CA VAL B 337 2.27 -21.66 -6.15
C VAL B 337 2.96 -20.33 -6.39
N ALA B 338 2.27 -19.42 -7.08
CA ALA B 338 2.76 -18.07 -7.33
C ALA B 338 2.00 -17.09 -6.44
N THR B 339 2.72 -16.11 -5.90
CA THR B 339 2.13 -15.05 -5.10
C THR B 339 2.50 -13.70 -5.69
N GLY B 340 1.49 -12.86 -5.93
CA GLY B 340 1.69 -11.49 -6.36
C GLY B 340 1.43 -10.54 -5.20
N SER B 341 2.04 -9.37 -5.26
CA SER B 341 1.99 -8.47 -4.11
C SER B 341 2.03 -7.02 -4.58
N TRP B 342 1.60 -6.13 -3.68
CA TRP B 342 1.67 -4.69 -3.91
C TRP B 342 3.10 -4.16 -3.97
N ASP B 343 4.10 -4.95 -3.59
CA ASP B 343 5.49 -4.55 -3.70
C ASP B 343 6.04 -4.73 -5.10
N SER B 344 5.20 -5.09 -6.06
CA SER B 344 5.49 -5.21 -7.49
C SER B 344 6.25 -6.47 -7.86
N PHE B 345 6.29 -7.48 -7.01
CA PHE B 345 7.02 -8.71 -7.31
C PHE B 345 6.10 -9.92 -7.27
N LEU B 346 6.43 -10.92 -8.08
CA LEU B 346 5.82 -12.24 -8.04
C LEU B 346 6.86 -13.26 -7.61
N LYS B 347 6.44 -14.21 -6.79
CA LYS B 347 7.33 -15.24 -6.29
C LYS B 347 6.71 -16.61 -6.52
N ILE B 348 7.56 -17.57 -6.87
CA ILE B 348 7.15 -18.95 -7.12
C ILE B 348 7.66 -19.81 -5.99
N TRP B 349 6.78 -20.61 -5.40
CA TRP B 349 7.11 -21.41 -4.23
C TRP B 349 6.83 -22.88 -4.50
N ASN B 350 7.70 -23.74 -3.97
CA ASN B 350 7.38 -25.15 -3.80
C ASN B 350 8.34 -25.74 -2.78
N GLY B 351 8.00 -26.94 -2.29
CA GLY B 351 8.78 -27.60 -1.28
C GLY B 351 9.90 -28.45 -1.84
N SER B 352 10.66 -29.06 -0.94
CA SER B 352 11.73 -29.98 -1.29
C SER B 352 11.65 -31.20 -0.39
N SER B 353 12.05 -32.35 -0.93
CA SER B 353 12.03 -33.60 -0.18
C SER B 353 13.07 -33.57 0.94
N THR C 6 -42.96 1.93 -6.52
CA THR C 6 -43.26 0.50 -6.42
C THR C 6 -42.00 -0.33 -6.63
N ALA C 7 -40.85 0.28 -6.36
CA ALA C 7 -39.58 -0.45 -6.48
C ALA C 7 -39.39 -1.44 -5.35
N SER C 8 -39.70 -1.02 -4.12
CA SER C 8 -39.51 -1.90 -2.97
C SER C 8 -40.43 -3.12 -3.03
N ILE C 9 -41.69 -2.92 -3.43
CA ILE C 9 -42.62 -4.04 -3.49
C ILE C 9 -42.22 -5.03 -4.58
N ALA C 10 -41.69 -4.52 -5.70
CA ALA C 10 -41.20 -5.39 -6.76
C ALA C 10 -39.98 -6.19 -6.30
N GLN C 11 -39.07 -5.54 -5.57
CA GLN C 11 -37.90 -6.24 -5.06
C GLN C 11 -38.29 -7.28 -4.01
N ALA C 12 -39.31 -6.99 -3.20
CA ALA C 12 -39.73 -7.93 -2.17
C ALA C 12 -40.23 -9.23 -2.78
N ARG C 13 -40.99 -9.15 -3.87
CA ARG C 13 -41.48 -10.36 -4.52
C ARG C 13 -40.34 -11.20 -5.06
N LYS C 14 -39.33 -10.54 -5.65
CA LYS C 14 -38.19 -11.28 -6.21
C LYS C 14 -37.37 -11.95 -5.11
N LEU C 15 -37.13 -11.24 -4.01
CA LEU C 15 -36.34 -11.83 -2.92
C LEU C 15 -37.06 -13.02 -2.29
N VAL C 16 -38.38 -12.91 -2.09
CA VAL C 16 -39.15 -14.03 -1.56
C VAL C 16 -39.14 -15.20 -2.53
N GLU C 17 -39.29 -14.92 -3.82
CA GLU C 17 -39.32 -15.99 -4.81
C GLU C 17 -38.00 -16.73 -4.88
N GLN C 18 -36.89 -16.00 -4.74
CA GLN C 18 -35.58 -16.66 -4.75
C GLN C 18 -35.40 -17.58 -3.55
N LEU C 19 -35.85 -17.14 -2.36
CA LEU C 19 -35.69 -17.96 -1.17
C LEU C 19 -36.50 -19.24 -1.26
N LYS C 20 -37.59 -19.25 -2.01
CA LYS C 20 -38.35 -20.48 -2.21
C LYS C 20 -37.54 -21.51 -2.99
N MET C 21 -36.84 -21.07 -4.03
CA MET C 21 -36.04 -22.00 -4.81
C MET C 21 -34.90 -22.60 -3.99
N GLU C 22 -34.26 -21.78 -3.16
CA GLU C 22 -33.13 -22.26 -2.36
C GLU C 22 -33.59 -23.17 -1.23
N ALA C 23 -34.82 -22.99 -0.75
CA ALA C 23 -35.33 -23.81 0.34
C ALA C 23 -35.85 -25.17 -0.10
N ASN C 24 -35.97 -25.41 -1.40
CA ASN C 24 -36.52 -26.66 -1.92
C ASN C 24 -35.45 -27.60 -2.45
N ILE C 25 -34.19 -27.35 -2.17
CA ILE C 25 -33.11 -28.19 -2.66
C ILE C 25 -32.92 -29.36 -1.70
N ASP C 26 -32.35 -30.44 -2.23
CA ASP C 26 -32.04 -31.61 -1.42
C ASP C 26 -30.68 -31.43 -0.75
N ARG C 27 -30.65 -31.62 0.58
CA ARG C 27 -29.43 -31.45 1.37
C ARG C 27 -29.01 -32.80 1.94
N ILE C 28 -27.74 -33.14 1.75
CA ILE C 28 -27.17 -34.33 2.36
C ILE C 28 -26.61 -33.96 3.73
N LYS C 29 -26.36 -34.97 4.55
CA LYS C 29 -25.81 -34.76 5.88
C LYS C 29 -24.40 -34.19 5.80
N VAL C 30 -24.04 -33.41 6.82
CA VAL C 30 -22.69 -32.84 6.88
C VAL C 30 -21.66 -33.95 7.01
N SER C 31 -22.00 -35.01 7.75
CA SER C 31 -21.08 -36.14 7.86
C SER C 31 -20.80 -36.78 6.51
N LYS C 32 -21.85 -36.93 5.69
CA LYS C 32 -21.65 -37.46 4.35
C LYS C 32 -20.79 -36.54 3.51
N ALA C 33 -21.04 -35.23 3.58
CA ALA C 33 -20.24 -34.27 2.83
C ALA C 33 -18.82 -34.20 3.36
N ALA C 34 -18.65 -34.24 4.68
CA ALA C 34 -17.31 -34.20 5.27
C ALA C 34 -16.51 -35.43 4.87
N ALA C 35 -17.14 -36.61 4.87
CA ALA C 35 -16.43 -37.83 4.50
C ALA C 35 -15.96 -37.79 3.05
N ASP C 36 -16.78 -37.23 2.15
CA ASP C 36 -16.40 -37.16 0.75
C ASP C 36 -15.17 -36.27 0.55
N LEU C 37 -15.11 -35.14 1.26
CA LEU C 37 -13.93 -34.28 1.16
C LEU C 37 -12.69 -34.99 1.68
N MET C 38 -12.83 -35.72 2.79
CA MET C 38 -11.71 -36.46 3.35
C MET C 38 -11.28 -37.58 2.41
N ALA C 39 -12.24 -38.24 1.77
CA ALA C 39 -11.92 -39.32 0.83
C ALA C 39 -11.15 -38.80 -0.38
N TYR C 40 -11.57 -37.65 -0.93
CA TYR C 40 -10.90 -37.10 -2.10
C TYR C 40 -9.46 -36.71 -1.78
N CYS C 41 -9.24 -36.11 -0.60
CA CYS C 41 -7.89 -35.72 -0.20
C CYS C 41 -7.00 -36.95 -0.05
N GLU C 42 -7.53 -38.03 0.51
CA GLU C 42 -6.74 -39.24 0.69
C GLU C 42 -6.35 -39.85 -0.65
N ALA C 43 -7.28 -39.89 -1.61
CA ALA C 43 -7.02 -40.56 -2.87
C ALA C 43 -5.96 -39.84 -3.70
N HIS C 44 -5.91 -38.52 -3.62
CA HIS C 44 -4.98 -37.72 -4.42
C HIS C 44 -3.80 -37.20 -3.62
N ALA C 45 -3.57 -37.73 -2.43
CA ALA C 45 -2.50 -37.21 -1.58
C ALA C 45 -1.13 -37.42 -2.21
N LYS C 46 -0.90 -38.58 -2.82
CA LYS C 46 0.42 -38.89 -3.36
C LYS C 46 0.77 -38.02 -4.56
N GLU C 47 -0.23 -37.65 -5.37
CA GLU C 47 -0.02 -36.82 -6.54
C GLU C 47 -0.15 -35.33 -6.25
N ASP C 48 0.06 -34.90 -5.01
CA ASP C 48 0.04 -33.49 -4.65
C ASP C 48 1.47 -33.03 -4.35
N PRO C 49 2.13 -32.35 -5.28
CA PRO C 49 3.52 -31.93 -5.01
C PRO C 49 3.67 -30.98 -3.83
N LEU C 50 2.70 -30.09 -3.60
CA LEU C 50 2.82 -29.18 -2.47
C LEU C 50 2.68 -29.90 -1.14
N LEU C 51 1.77 -30.88 -1.09
CA LEU C 51 1.60 -31.66 0.13
C LEU C 51 2.81 -32.57 0.37
N THR C 52 3.22 -33.30 -0.65
CA THR C 52 4.39 -34.18 -0.57
C THR C 52 5.40 -33.74 -1.61
N PRO C 53 6.41 -32.95 -1.24
CA PRO C 53 7.36 -32.44 -2.23
C PRO C 53 8.07 -33.57 -2.97
N VAL C 54 8.24 -33.35 -4.28
CA VAL C 54 8.83 -34.33 -5.19
C VAL C 54 10.34 -34.28 -5.08
N PRO C 55 11.07 -35.31 -5.50
CA PRO C 55 12.53 -35.23 -5.52
C PRO C 55 13.00 -34.12 -6.46
N ALA C 56 14.18 -33.57 -6.12
CA ALA C 56 14.70 -32.42 -6.86
C ALA C 56 14.85 -32.73 -8.35
N SER C 57 15.06 -33.98 -8.71
CA SER C 57 15.17 -34.34 -10.12
C SER C 57 13.85 -34.13 -10.86
N GLU C 58 12.72 -34.27 -10.17
CA GLU C 58 11.40 -34.14 -10.78
C GLU C 58 10.79 -32.75 -10.58
N ASN C 59 11.53 -31.82 -10.00
CA ASN C 59 11.01 -30.48 -9.73
C ASN C 59 11.47 -29.54 -10.83
N PRO C 60 10.55 -29.01 -11.65
CA PRO C 60 10.97 -28.06 -12.69
C PRO C 60 11.59 -26.78 -12.16
N PHE C 61 11.39 -26.44 -10.88
CA PHE C 61 11.83 -25.18 -10.31
C PHE C 61 13.03 -25.36 -9.38
N ARG C 62 13.93 -26.29 -9.71
CA ARG C 62 15.15 -26.53 -8.94
C ARG C 62 15.88 -25.24 -8.59
N GLN D 1 -25.27 -14.85 9.29
CA GLN D 1 -25.70 -13.73 8.45
C GLN D 1 -25.76 -12.44 9.25
N VAL D 2 -25.15 -11.39 8.72
CA VAL D 2 -25.14 -10.09 9.38
C VAL D 2 -26.52 -9.47 9.28
N GLN D 3 -27.12 -9.15 10.42
CA GLN D 3 -28.45 -8.54 10.46
C GLN D 3 -28.54 -7.56 11.61
N LEU D 4 -29.19 -6.42 11.35
CA LEU D 4 -29.40 -5.38 12.35
C LEU D 4 -30.88 -5.02 12.37
N GLN D 5 -31.47 -5.02 13.57
CA GLN D 5 -32.89 -4.74 13.75
C GLN D 5 -33.06 -3.46 14.55
N GLU D 6 -33.57 -2.42 13.91
CA GLU D 6 -33.87 -1.18 14.60
C GLU D 6 -35.25 -1.25 15.24
N SER D 7 -35.32 -0.90 16.53
CA SER D 7 -36.57 -0.93 17.26
C SER D 7 -36.75 0.41 17.98
N GLY D 8 -37.98 0.68 18.39
CA GLY D 8 -38.32 1.97 18.94
C GLY D 8 -38.87 2.90 17.86
N GLY D 9 -39.08 4.14 18.28
CA GLY D 9 -39.60 5.14 17.37
C GLY D 9 -41.13 5.15 17.34
N GLY D 10 -41.64 6.05 16.52
CA GLY D 10 -43.07 6.23 16.39
C GLY D 10 -43.42 7.70 16.38
N LEU D 11 -44.65 8.00 16.75
CA LEU D 11 -45.16 9.36 16.80
C LEU D 11 -44.91 9.96 18.17
N VAL D 12 -44.14 11.04 18.22
CA VAL D 12 -43.86 11.76 19.45
C VAL D 12 -44.09 13.24 19.22
N GLN D 13 -44.68 13.91 20.21
CA GLN D 13 -44.91 15.34 20.11
C GLN D 13 -43.57 16.08 20.12
N PRO D 14 -43.50 17.26 19.50
CA PRO D 14 -42.24 18.02 19.50
C PRO D 14 -41.79 18.34 20.92
N GLY D 15 -40.48 18.25 21.13
CA GLY D 15 -39.91 18.45 22.45
C GLY D 15 -39.87 17.22 23.31
N GLY D 16 -40.42 16.10 22.85
CA GLY D 16 -40.43 14.87 23.62
C GLY D 16 -39.12 14.11 23.51
N SER D 17 -39.07 12.98 24.20
CA SER D 17 -37.90 12.13 24.23
C SER D 17 -38.22 10.77 23.60
N LEU D 18 -37.21 10.18 22.98
CA LEU D 18 -37.37 8.91 22.31
C LEU D 18 -36.05 8.15 22.35
N ARG D 19 -36.13 6.84 22.55
CA ARG D 19 -34.96 5.98 22.61
C ARG D 19 -35.05 4.92 21.52
N LEU D 20 -33.99 4.78 20.74
CA LEU D 20 -33.91 3.77 19.69
C LEU D 20 -32.94 2.68 20.10
N SER D 21 -33.26 1.44 19.74
CA SER D 21 -32.44 0.28 20.03
C SER D 21 -32.13 -0.47 18.75
N CYS D 22 -30.88 -0.89 18.62
CA CYS D 22 -30.41 -1.66 17.48
C CYS D 22 -29.88 -3.01 17.96
N ALA D 23 -30.50 -4.09 17.50
CA ALA D 23 -30.10 -5.44 17.89
C ALA D 23 -29.18 -5.98 16.80
N ALA D 24 -27.98 -6.38 17.20
CA ALA D 24 -26.97 -6.87 16.28
C ALA D 24 -26.84 -8.38 16.36
N SER D 25 -26.65 -9.01 15.20
CA SER D 25 -26.48 -10.45 15.13
C SER D 25 -25.65 -10.79 13.90
N GLY D 26 -25.02 -11.96 13.94
CA GLY D 26 -24.25 -12.44 12.83
C GLY D 26 -22.83 -11.92 12.74
N PHE D 27 -22.36 -11.17 13.73
CA PHE D 27 -20.99 -10.69 13.73
C PHE D 27 -20.58 -10.36 15.16
N THR D 28 -19.27 -10.30 15.37
CA THR D 28 -18.72 -9.93 16.68
C THR D 28 -18.94 -8.43 16.87
N PHE D 29 -19.94 -8.09 17.68
CA PHE D 29 -20.35 -6.71 17.84
C PHE D 29 -19.24 -5.83 18.40
N SER D 30 -18.39 -6.38 19.27
CA SER D 30 -17.34 -5.59 19.90
C SER D 30 -16.22 -5.20 18.95
N ASN D 31 -16.17 -5.76 17.75
CA ASN D 31 -15.08 -5.50 16.81
C ASN D 31 -15.40 -4.43 15.78
N TYR D 32 -16.58 -3.81 15.85
CA TYR D 32 -17.02 -2.89 14.81
C TYR D 32 -17.46 -1.57 15.39
N LYS D 33 -17.13 -0.49 14.68
CA LYS D 33 -17.71 0.81 14.96
C LYS D 33 -19.13 0.87 14.40
N MET D 34 -20.03 1.43 15.18
CA MET D 34 -21.44 1.48 14.82
C MET D 34 -21.89 2.92 14.57
N ASN D 35 -22.85 3.08 13.67
CA ASN D 35 -23.32 4.39 13.26
C ASN D 35 -24.84 4.44 13.30
N TRP D 36 -25.35 5.66 13.43
CA TRP D 36 -26.78 5.93 13.27
C TRP D 36 -26.96 6.86 12.09
N VAL D 37 -27.82 6.45 11.15
CA VAL D 37 -28.05 7.16 9.90
C VAL D 37 -29.56 7.35 9.75
N ARG D 38 -29.96 8.53 9.32
CA ARG D 38 -31.37 8.84 9.12
C ARG D 38 -31.60 9.36 7.71
N GLN D 39 -32.83 9.20 7.24
CA GLN D 39 -33.23 9.67 5.90
C GLN D 39 -34.55 10.42 6.04
N ALA D 40 -34.48 11.75 5.94
CA ALA D 40 -35.68 12.56 6.00
C ALA D 40 -36.49 12.37 4.71
N PRO D 41 -37.81 12.51 4.78
CA PRO D 41 -38.63 12.39 3.56
C PRO D 41 -38.24 13.43 2.53
N GLY D 42 -38.10 12.99 1.28
CA GLY D 42 -37.67 13.86 0.21
C GLY D 42 -36.20 14.19 0.21
N LYS D 43 -35.40 13.57 1.09
CA LYS D 43 -33.98 13.84 1.18
C LYS D 43 -33.22 12.52 1.23
N GLY D 44 -31.92 12.60 0.96
CA GLY D 44 -31.08 11.44 1.01
C GLY D 44 -30.64 11.10 2.42
N LEU D 45 -29.98 9.95 2.54
CA LEU D 45 -29.49 9.50 3.84
C LEU D 45 -28.40 10.45 4.35
N GLU D 46 -28.40 10.68 5.66
CA GLU D 46 -27.39 11.52 6.29
C GLU D 46 -26.91 10.85 7.57
N TRP D 47 -25.64 11.05 7.87
CA TRP D 47 -25.04 10.49 9.08
C TRP D 47 -25.42 11.33 10.29
N VAL D 48 -25.77 10.65 11.38
CA VAL D 48 -26.21 11.30 12.62
C VAL D 48 -25.13 11.20 13.70
N SER D 49 -24.73 9.98 14.05
CA SER D 49 -23.74 9.80 15.10
C SER D 49 -23.05 8.46 14.90
N ASP D 50 -21.87 8.34 15.50
CA ASP D 50 -21.14 7.09 15.49
C ASP D 50 -20.48 6.90 16.86
N ILE D 51 -20.20 5.64 17.18
CA ILE D 51 -19.52 5.29 18.42
C ILE D 51 -18.47 4.23 18.11
N SER D 52 -17.29 4.39 18.71
CA SER D 52 -16.17 3.51 18.42
C SER D 52 -16.43 2.10 18.97
N GLN D 53 -15.45 1.22 18.76
CA GLN D 53 -15.63 -0.18 19.16
C GLN D 53 -15.80 -0.33 20.66
N SER D 54 -15.01 0.40 21.45
CA SER D 54 -15.08 0.32 22.90
C SER D 54 -15.95 1.40 23.52
N GLY D 55 -16.54 2.28 22.71
CA GLY D 55 -17.34 3.36 23.23
C GLY D 55 -16.57 4.58 23.67
N ALA D 56 -15.24 4.56 23.57
CA ALA D 56 -14.43 5.70 24.01
C ALA D 56 -14.65 6.90 23.11
N SER D 57 -14.70 6.70 21.80
CA SER D 57 -14.85 7.78 20.83
C SER D 57 -16.29 7.87 20.37
N ILE D 58 -16.86 9.06 20.43
CA ILE D 58 -18.25 9.30 20.06
C ILE D 58 -18.32 10.61 19.28
N SER D 59 -19.09 10.62 18.20
CA SER D 59 -19.26 11.81 17.37
C SER D 59 -20.75 12.02 17.08
N TYR D 60 -21.08 13.26 16.75
CA TYR D 60 -22.45 13.63 16.39
C TYR D 60 -22.43 14.66 15.27
N THR D 61 -23.54 14.75 14.57
CA THR D 61 -23.76 15.86 13.64
C THR D 61 -24.16 17.10 14.42
N GLY D 62 -23.73 18.26 13.93
CA GLY D 62 -23.99 19.51 14.61
C GLY D 62 -25.46 19.85 14.75
N SER D 63 -26.31 19.31 13.87
CA SER D 63 -27.73 19.59 13.98
C SER D 63 -28.39 18.88 15.16
N VAL D 64 -27.81 17.78 15.64
CA VAL D 64 -28.36 17.02 16.75
C VAL D 64 -27.45 17.04 17.97
N LYS D 65 -26.37 17.81 17.91
CA LYS D 65 -25.45 17.88 19.03
C LYS D 65 -26.13 18.51 20.24
N GLY D 66 -25.95 17.90 21.40
CA GLY D 66 -26.57 18.37 22.63
C GLY D 66 -27.96 17.84 22.87
N ARG D 67 -28.53 17.11 21.93
CA ARG D 67 -29.86 16.52 22.08
C ARG D 67 -29.89 15.02 21.89
N PHE D 68 -28.95 14.45 21.13
CA PHE D 68 -28.89 13.02 20.88
C PHE D 68 -27.71 12.43 21.64
N THR D 69 -27.93 11.26 22.23
CA THR D 69 -26.87 10.52 22.92
C THR D 69 -26.85 9.10 22.40
N ILE D 70 -25.67 8.62 22.02
CA ILE D 70 -25.49 7.30 21.46
C ILE D 70 -24.66 6.47 22.43
N SER D 71 -25.11 5.25 22.69
CA SER D 71 -24.41 4.33 23.57
C SER D 71 -24.56 2.91 23.02
N ARG D 72 -23.62 2.04 23.40
CA ARG D 72 -23.61 0.67 22.95
C ARG D 72 -23.33 -0.26 24.12
N ASP D 73 -23.83 -1.48 24.01
CA ASP D 73 -23.62 -2.53 25.02
C ASP D 73 -23.05 -3.74 24.30
N ASN D 74 -21.73 -3.89 24.35
CA ASN D 74 -21.08 -4.98 23.64
C ASN D 74 -21.52 -6.34 24.18
N ALA D 75 -21.66 -6.46 25.50
CA ALA D 75 -22.12 -7.72 26.07
C ALA D 75 -23.54 -8.04 25.61
N LYS D 76 -24.41 -7.03 25.56
CA LYS D 76 -25.78 -7.22 25.10
C LYS D 76 -25.89 -7.20 23.58
N ASN D 77 -24.80 -6.88 22.85
CA ASN D 77 -24.81 -6.84 21.39
C ASN D 77 -25.86 -5.87 20.86
N THR D 78 -26.04 -4.75 21.56
CA THR D 78 -27.12 -3.82 21.26
C THR D 78 -26.58 -2.40 21.19
N LEU D 79 -27.19 -1.60 20.32
CA LEU D 79 -26.83 -0.21 20.12
C LEU D 79 -28.03 0.66 20.45
N TYR D 80 -27.78 1.79 21.10
CA TYR D 80 -28.84 2.68 21.55
C TYR D 80 -28.63 4.09 21.02
N LEU D 81 -29.74 4.82 20.89
CA LEU D 81 -29.71 6.23 20.49
C LEU D 81 -30.79 6.95 21.28
N GLN D 82 -30.39 7.74 22.28
CA GLN D 82 -31.32 8.50 23.09
C GLN D 82 -31.55 9.85 22.43
N MET D 83 -32.80 10.14 22.10
CA MET D 83 -33.17 11.36 21.39
C MET D 83 -34.17 12.13 22.25
N ASN D 84 -33.70 13.15 22.97
CA ASN D 84 -34.55 14.00 23.78
C ASN D 84 -34.62 15.39 23.18
N SER D 85 -35.67 16.12 23.56
CA SER D 85 -35.96 17.45 23.03
C SER D 85 -36.05 17.42 21.50
N LEU D 86 -36.89 16.53 20.99
CA LEU D 86 -36.99 16.32 19.56
C LEU D 86 -37.63 17.51 18.86
N LYS D 87 -37.36 17.63 17.57
CA LYS D 87 -37.79 18.72 16.71
C LYS D 87 -38.48 18.15 15.49
N PRO D 88 -39.43 18.88 14.90
CA PRO D 88 -40.10 18.37 13.69
C PRO D 88 -39.14 18.14 12.53
N GLU D 89 -37.97 18.78 12.52
CA GLU D 89 -36.96 18.52 11.51
C GLU D 89 -36.27 17.18 11.70
N ASP D 90 -36.50 16.50 12.83
CA ASP D 90 -35.90 15.20 13.10
C ASP D 90 -36.76 14.04 12.63
N THR D 91 -37.89 14.31 11.98
CA THR D 91 -38.77 13.27 11.46
C THR D 91 -38.08 12.57 10.31
N ALA D 92 -37.67 11.32 10.52
CA ALA D 92 -36.93 10.56 9.51
C ALA D 92 -36.95 9.09 9.87
N VAL D 93 -36.54 8.27 8.91
CA VAL D 93 -36.34 6.84 9.14
C VAL D 93 -34.90 6.65 9.61
N TYR D 94 -34.73 6.12 10.80
CA TYR D 94 -33.42 5.99 11.43
C TYR D 94 -32.87 4.60 11.17
N TYR D 95 -31.60 4.53 10.78
CA TYR D 95 -30.95 3.30 10.37
C TYR D 95 -29.75 3.02 11.25
N CYS D 96 -29.55 1.75 11.57
CA CYS D 96 -28.40 1.28 12.33
C CYS D 96 -27.39 0.73 11.33
N ALA D 97 -26.28 1.43 11.14
CA ALA D 97 -25.28 1.09 10.14
C ALA D 97 -24.01 0.63 10.82
N ARG D 98 -23.46 -0.49 10.35
CA ARG D 98 -22.20 -1.01 10.83
C ARG D 98 -21.08 -0.66 9.85
N CYS D 99 -19.92 -0.31 10.38
CA CYS D 99 -18.79 -0.05 9.51
C CYS D 99 -18.37 -1.36 8.82
N PRO D 100 -17.97 -1.30 7.55
CA PRO D 100 -17.80 -2.53 6.78
C PRO D 100 -16.75 -3.50 7.34
N ALA D 101 -15.68 -3.01 7.93
CA ALA D 101 -14.59 -3.89 8.34
C ALA D 101 -14.27 -3.68 9.81
N PRO D 102 -13.79 -4.71 10.49
CA PRO D 102 -13.43 -4.56 11.90
C PRO D 102 -12.02 -4.00 12.07
N PHE D 103 -11.80 -3.44 13.26
CA PHE D 103 -10.50 -2.89 13.65
C PHE D 103 -10.04 -1.79 12.69
N THR D 104 -10.95 -0.91 12.31
CA THR D 104 -10.63 0.22 11.43
C THR D 104 -11.14 1.52 12.02
N ARG D 105 -10.44 2.61 11.70
CA ARG D 105 -10.88 3.93 12.10
C ARG D 105 -11.76 4.59 11.05
N ASP D 106 -11.60 4.23 9.78
CA ASP D 106 -12.44 4.75 8.72
C ASP D 106 -13.78 4.01 8.67
N CYS D 107 -14.77 4.66 8.07
CA CYS D 107 -16.11 4.10 7.91
C CYS D 107 -16.66 4.69 6.62
N PHE D 108 -16.56 3.93 5.53
CA PHE D 108 -16.68 4.53 4.21
C PHE D 108 -18.13 4.71 3.75
N ASP D 109 -18.86 3.60 3.60
CA ASP D 109 -20.07 3.61 2.78
C ASP D 109 -21.34 3.37 3.60
N VAL D 110 -21.35 3.76 4.88
CA VAL D 110 -22.55 3.56 5.69
C VAL D 110 -23.71 4.41 5.18
N THR D 111 -23.41 5.62 4.70
CA THR D 111 -24.45 6.51 4.16
C THR D 111 -24.52 6.37 2.64
N SER D 112 -24.79 5.16 2.19
CA SER D 112 -24.88 4.86 0.76
C SER D 112 -26.27 4.31 0.46
N THR D 113 -26.65 4.38 -0.82
CA THR D 113 -28.00 4.02 -1.22
C THR D 113 -28.32 2.57 -0.90
N THR D 114 -27.42 1.66 -1.24
CA THR D 114 -27.59 0.22 -0.99
C THR D 114 -26.36 -0.25 -0.23
N TYR D 115 -26.46 -0.27 1.10
CA TYR D 115 -25.39 -0.70 1.97
C TYR D 115 -25.81 -1.99 2.66
N ALA D 116 -24.94 -3.00 2.58
CA ALA D 116 -25.31 -4.34 3.03
C ALA D 116 -25.41 -4.43 4.55
N TYR D 117 -24.57 -3.71 5.29
CA TYR D 117 -24.50 -3.84 6.74
C TYR D 117 -25.29 -2.76 7.45
N ARG D 118 -26.42 -2.36 6.87
CA ARG D 118 -27.33 -1.40 7.46
C ARG D 118 -28.70 -2.04 7.58
N GLY D 119 -29.38 -1.77 8.71
CA GLY D 119 -30.64 -2.40 8.99
C GLY D 119 -31.80 -1.85 8.18
N GLN D 120 -32.97 -2.44 8.41
CA GLN D 120 -34.17 -2.02 7.68
C GLN D 120 -34.63 -0.63 8.10
N GLY D 121 -34.36 -0.24 9.33
CA GLY D 121 -34.70 1.10 9.76
C GLY D 121 -35.98 1.14 10.60
N THR D 122 -36.08 2.17 11.43
CA THR D 122 -37.26 2.40 12.26
C THR D 122 -37.77 3.81 11.99
N GLN D 123 -39.09 3.97 12.01
CA GLN D 123 -39.73 5.23 11.66
C GLN D 123 -39.91 6.11 12.89
N VAL D 124 -39.40 7.34 12.81
CA VAL D 124 -39.53 8.32 13.87
C VAL D 124 -40.28 9.52 13.30
N THR D 125 -41.40 9.88 13.91
CA THR D 125 -42.22 11.00 13.49
C THR D 125 -42.36 11.99 14.63
N VAL D 126 -42.12 13.26 14.35
CA VAL D 126 -42.19 14.30 15.37
C VAL D 126 -43.32 15.30 15.10
N SER D 127 -43.81 15.40 13.87
CA SER D 127 -44.86 16.35 13.55
C SER D 127 -46.10 16.09 14.38
N SER D 128 -46.68 17.16 14.91
CA SER D 128 -47.88 17.05 15.75
C SER D 128 -49.12 16.78 14.90
N SER E 99 55.58 3.64 30.75
CA SER E 99 55.22 3.60 29.34
C SER E 99 54.55 2.28 28.99
N THR E 100 54.87 1.23 29.75
CA THR E 100 54.25 -0.07 29.50
C THR E 100 52.75 -0.03 29.71
N ALA E 101 52.30 0.66 30.75
CA ALA E 101 50.86 0.79 30.99
C ALA E 101 50.19 1.58 29.88
N CYS E 102 50.84 2.66 29.41
CA CYS E 102 50.27 3.47 28.35
C CYS E 102 50.15 2.68 27.05
N LYS E 103 51.15 1.87 26.72
CA LYS E 103 51.13 1.12 25.47
C LYS E 103 49.97 0.14 25.45
N ILE E 104 49.68 -0.51 26.58
CA ILE E 104 48.54 -1.42 26.64
C ILE E 104 47.24 -0.66 26.44
N THR E 105 47.11 0.51 27.06
CA THR E 105 45.91 1.32 26.89
C THR E 105 45.74 1.77 25.45
N ILE E 106 46.83 2.19 24.81
CA ILE E 106 46.75 2.62 23.41
C ILE E 106 46.40 1.44 22.50
N THR E 107 46.94 0.26 22.80
CA THR E 107 46.64 -0.91 21.98
C THR E 107 45.16 -1.25 22.02
N VAL E 108 44.54 -1.15 23.19
CA VAL E 108 43.11 -1.44 23.32
C VAL E 108 42.29 -0.44 22.51
N VAL E 109 42.63 0.85 22.61
CA VAL E 109 41.87 1.87 21.89
C VAL E 109 41.97 1.67 20.39
N LEU E 110 43.18 1.36 19.89
CA LEU E 110 43.33 1.09 18.47
C LEU E 110 42.56 -0.17 18.07
N ALA E 111 42.61 -1.21 18.91
CA ALA E 111 41.88 -2.44 18.61
C ALA E 111 40.37 -2.19 18.60
N VAL E 112 39.87 -1.39 19.54
CA VAL E 112 38.44 -1.08 19.57
C VAL E 112 38.05 -0.29 18.33
N LEU E 113 38.88 0.66 17.92
CA LEU E 113 38.58 1.48 16.75
C LEU E 113 38.49 0.61 15.50
N ILE E 114 39.40 -0.35 15.34
CA ILE E 114 39.34 -1.25 14.20
C ILE E 114 38.09 -2.12 14.26
N LEU E 115 37.77 -2.63 15.45
CA LEU E 115 36.59 -3.49 15.59
C LEU E 115 35.32 -2.73 15.27
N ILE E 116 35.20 -1.49 15.76
CA ILE E 116 34.01 -0.69 15.48
C ILE E 116 33.89 -0.41 13.98
N THR E 117 35.00 -0.07 13.34
CA THR E 117 34.97 0.23 11.90
C THR E 117 34.55 -1.00 11.10
N VAL E 118 35.13 -2.15 11.40
CA VAL E 118 34.81 -3.37 10.65
C VAL E 118 33.39 -3.81 10.96
N ALA E 119 33.03 -3.88 12.24
CA ALA E 119 31.69 -4.35 12.61
C ALA E 119 30.62 -3.36 12.16
N GLY E 120 30.89 -2.06 12.29
CA GLY E 120 29.90 -1.07 11.91
C GLY E 120 29.58 -1.09 10.42
N ASN E 121 30.57 -1.36 9.59
CA ASN E 121 30.38 -1.38 8.16
C ASN E 121 29.91 -2.73 7.63
N VAL E 122 30.18 -3.82 8.37
CA VAL E 122 29.62 -5.11 7.98
C VAL E 122 28.12 -5.12 8.17
N VAL E 123 27.63 -4.50 9.25
CA VAL E 123 26.20 -4.43 9.51
C VAL E 123 25.47 -3.71 8.38
N VAL E 124 26.05 -2.60 7.91
CA VAL E 124 25.43 -1.88 6.80
C VAL E 124 25.39 -2.75 5.55
N CYS E 125 26.47 -3.46 5.25
CA CYS E 125 26.48 -4.35 4.10
C CYS E 125 25.51 -5.51 4.29
N LEU E 126 25.45 -6.09 5.49
CA LEU E 126 24.53 -7.19 5.74
C LEU E 126 23.09 -6.73 5.67
N ALA E 127 22.79 -5.53 6.18
CA ALA E 127 21.42 -5.05 6.17
C ALA E 127 20.90 -4.88 4.75
N VAL E 128 21.73 -4.36 3.85
CA VAL E 128 21.31 -4.20 2.46
C VAL E 128 21.17 -5.55 1.77
N GLY E 129 22.12 -6.46 2.01
CA GLY E 129 22.07 -7.75 1.34
C GLY E 129 20.86 -8.58 1.74
N LEU E 130 20.53 -8.58 3.03
CA LEU E 130 19.43 -9.40 3.50
C LEU E 130 18.08 -8.81 3.11
N ASN E 131 17.92 -7.50 3.20
CA ASN E 131 16.65 -6.85 2.95
C ASN E 131 16.54 -6.43 1.50
N ARG E 132 15.47 -6.88 0.83
CA ARG E 132 15.29 -6.53 -0.58
C ARG E 132 14.91 -5.06 -0.74
N ARG E 133 14.11 -4.52 0.18
CA ARG E 133 13.70 -3.12 0.08
C ARG E 133 14.86 -2.16 0.26
N LEU E 134 15.95 -2.60 0.90
CA LEU E 134 17.13 -1.76 1.07
C LEU E 134 18.02 -1.75 -0.16
N ARG E 135 17.76 -2.60 -1.14
CA ARG E 135 18.56 -2.63 -2.37
C ARG E 135 17.95 -1.68 -3.40
N ASN E 136 18.03 -0.39 -3.10
CA ASN E 136 17.52 0.65 -3.97
C ASN E 136 18.64 1.60 -4.34
N LEU E 137 18.38 2.42 -5.36
CA LEU E 137 19.39 3.33 -5.86
C LEU E 137 19.77 4.40 -4.86
N THR E 138 18.88 4.72 -3.92
CA THR E 138 19.18 5.73 -2.92
C THR E 138 20.28 5.26 -1.98
N ASN E 139 20.34 3.97 -1.68
CA ASN E 139 21.32 3.41 -0.76
C ASN E 139 22.61 2.99 -1.45
N CYS E 140 22.75 3.24 -2.75
CA CYS E 140 23.96 2.85 -3.46
C CYS E 140 25.19 3.56 -2.91
N PHE E 141 25.07 4.86 -2.61
CA PHE E 141 26.20 5.59 -2.04
C PHE E 141 26.48 5.16 -0.60
N ILE E 142 25.44 4.82 0.16
CA ILE E 142 25.64 4.35 1.52
C ILE E 142 26.37 3.01 1.52
N VAL E 143 25.97 2.09 0.63
CA VAL E 143 26.66 0.82 0.52
C VAL E 143 28.09 1.01 0.05
N SER E 144 28.27 1.89 -0.95
CA SER E 144 29.62 2.18 -1.44
C SER E 144 30.49 2.78 -0.35
N LEU E 145 29.92 3.66 0.46
CA LEU E 145 30.65 4.22 1.60
C LEU E 145 31.00 3.16 2.62
N ALA E 146 30.05 2.27 2.92
CA ALA E 146 30.29 1.23 3.91
C ALA E 146 31.35 0.24 3.44
N ILE E 147 31.31 -0.14 2.16
CA ILE E 147 32.32 -1.06 1.63
C ILE E 147 33.70 -0.43 1.66
N THR E 148 33.80 0.85 1.28
CA THR E 148 35.10 1.53 1.29
C THR E 148 35.66 1.62 2.70
N ASP E 149 34.81 1.94 3.68
CA ASP E 149 35.27 1.98 5.07
C ASP E 149 35.60 0.60 5.58
N LEU E 150 34.88 -0.43 5.12
CA LEU E 150 35.19 -1.80 5.53
C LEU E 150 36.55 -2.23 5.01
N LEU E 151 36.88 -1.87 3.77
CA LEU E 151 38.20 -2.18 3.23
C LEU E 151 39.29 -1.45 4.00
N LEU E 152 39.03 -0.22 4.42
CA LEU E 152 40.00 0.51 5.22
C LEU E 152 40.25 -0.18 6.56
N GLY E 153 39.20 -0.70 7.17
CA GLY E 153 39.34 -1.36 8.46
C GLY E 153 40.05 -2.69 8.42
N LEU E 154 40.18 -3.28 7.24
CA LEU E 154 40.82 -4.57 7.08
C LEU E 154 42.20 -4.49 6.45
N LEU E 155 42.38 -3.61 5.46
CA LEU E 155 43.63 -3.54 4.71
C LEU E 155 44.58 -2.48 5.22
N VAL E 156 44.09 -1.39 5.78
CA VAL E 156 44.91 -0.25 6.16
C VAL E 156 45.02 -0.10 7.68
N LEU E 157 43.90 -0.18 8.38
CA LEU E 157 43.93 0.03 9.84
C LEU E 157 44.81 -0.98 10.58
N PRO E 158 44.75 -2.29 10.31
CA PRO E 158 45.64 -3.21 11.03
C PRO E 158 47.12 -2.89 10.87
N PHE E 159 47.54 -2.47 9.67
CA PHE E 159 48.94 -2.12 9.46
C PHE E 159 49.29 -0.78 10.06
N SER E 160 48.34 0.16 10.12
CA SER E 160 48.62 1.43 10.78
C SER E 160 48.81 1.23 12.28
N ALA E 161 48.00 0.36 12.88
CA ALA E 161 48.14 0.08 14.31
C ALA E 161 49.47 -0.61 14.61
N ILE E 162 49.88 -1.54 13.77
CA ILE E 162 51.15 -2.23 13.99
C ILE E 162 52.31 -1.26 13.87
N TYR E 163 52.27 -0.39 12.86
CA TYR E 163 53.33 0.59 12.68
C TYR E 163 53.36 1.60 13.83
N GLN E 164 52.18 1.99 14.32
CA GLN E 164 52.13 2.99 15.39
C GLN E 164 52.68 2.43 16.69
N LEU E 165 52.31 1.21 17.05
CA LEU E 165 52.74 0.64 18.31
C LEU E 165 54.23 0.25 18.28
N SER E 166 54.67 -0.40 17.21
CA SER E 166 56.05 -0.86 17.10
C SER E 166 57.01 0.25 16.68
N CYS E 167 56.51 1.37 16.17
CA CYS E 167 57.31 2.52 15.75
C CYS E 167 58.32 2.16 14.65
N LYS E 168 58.07 1.10 13.89
CA LYS E 168 58.96 0.73 12.80
C LYS E 168 58.17 -0.08 11.78
N TRP E 169 58.58 0.02 10.51
CA TRP E 169 57.95 -0.72 9.43
C TRP E 169 58.74 -2.00 9.20
N SER E 170 58.31 -3.08 9.86
CA SER E 170 59.01 -4.36 9.75
C SER E 170 58.98 -4.89 8.32
N PHE E 171 57.88 -4.67 7.61
CA PHE E 171 57.72 -5.17 6.26
C PHE E 171 58.60 -4.40 5.27
N GLY E 172 58.71 -4.95 4.07
CA GLY E 172 59.57 -4.38 3.05
C GLY E 172 59.09 -3.05 2.52
N LYS E 173 60.04 -2.33 1.93
CA LYS E 173 59.76 -1.02 1.34
C LYS E 173 58.73 -1.12 0.22
N VAL E 174 58.79 -2.20 -0.57
CA VAL E 174 57.84 -2.37 -1.66
C VAL E 174 56.41 -2.45 -1.12
N PHE E 175 56.22 -3.11 0.02
CA PHE E 175 54.89 -3.18 0.60
C PHE E 175 54.49 -1.88 1.27
N CYS E 176 55.45 -1.06 1.67
CA CYS E 176 55.12 0.23 2.28
C CYS E 176 54.42 1.15 1.28
N ASN E 177 54.91 1.18 0.04
CA ASN E 177 54.25 1.99 -0.98
C ASN E 177 52.85 1.48 -1.26
N ILE E 178 52.66 0.16 -1.28
CA ILE E 178 51.33 -0.40 -1.47
C ILE E 178 50.43 -0.04 -0.30
N TYR E 179 50.95 -0.12 0.94
CA TYR E 179 50.15 0.21 2.11
C TYR E 179 49.75 1.69 2.11
N THR E 180 50.69 2.58 1.81
CA THR E 180 50.37 4.00 1.80
C THR E 180 49.41 4.34 0.66
N SER E 181 49.56 3.67 -0.48
CA SER E 181 48.63 3.90 -1.58
C SER E 181 47.21 3.47 -1.23
N LEU E 182 47.08 2.34 -0.54
CA LEU E 182 45.76 1.91 -0.10
C LEU E 182 45.19 2.88 0.92
N ASP E 183 46.03 3.45 1.76
CA ASP E 183 45.58 4.43 2.74
C ASP E 183 45.01 5.66 2.06
N VAL E 184 45.72 6.17 1.04
CA VAL E 184 45.26 7.37 0.34
C VAL E 184 44.03 7.06 -0.50
N MET E 185 44.02 5.92 -1.19
CA MET E 185 42.91 5.58 -2.07
C MET E 185 41.62 5.40 -1.29
N LEU E 186 41.68 4.65 -0.20
CA LEU E 186 40.45 4.35 0.55
C LEU E 186 39.96 5.55 1.33
N CYS E 187 40.87 6.41 1.81
CA CYS E 187 40.44 7.61 2.51
C CYS E 187 39.87 8.64 1.56
N THR E 188 40.49 8.82 0.39
CA THR E 188 39.96 9.76 -0.59
C THR E 188 38.60 9.31 -1.12
N ALA E 189 38.44 8.02 -1.39
CA ALA E 189 37.17 7.51 -1.87
C ALA E 189 36.08 7.65 -0.80
N SER E 190 36.45 7.43 0.46
CA SER E 190 35.48 7.60 1.54
C SER E 190 35.00 9.03 1.67
N ILE E 191 35.92 10.00 1.56
CA ILE E 191 35.54 11.41 1.64
C ILE E 191 34.68 11.80 0.45
N LEU E 192 35.05 11.37 -0.76
CA LEU E 192 34.27 11.69 -1.94
C LEU E 192 32.92 10.98 -1.94
N ASN E 193 32.82 9.83 -1.27
CA ASN E 193 31.52 9.19 -1.11
C ASN E 193 30.59 10.04 -0.24
N LEU E 194 31.15 10.66 0.80
CA LEU E 194 30.35 11.58 1.63
C LEU E 194 29.89 12.77 0.82
N PHE E 195 30.73 13.25 -0.09
CA PHE E 195 30.37 14.39 -0.94
C PHE E 195 29.20 14.04 -1.84
N MET E 196 29.19 12.83 -2.40
CA MET E 196 28.09 12.43 -3.27
C MET E 196 26.81 12.20 -2.49
N ILE E 197 26.91 11.75 -1.23
CA ILE E 197 25.72 11.60 -0.40
C ILE E 197 25.07 12.96 -0.13
N SER E 198 25.89 13.97 0.18
CA SER E 198 25.36 15.31 0.42
C SER E 198 24.71 15.89 -0.83
N LEU E 199 25.34 15.70 -1.99
CA LEU E 199 24.75 16.18 -3.23
C LEU E 199 23.45 15.44 -3.54
N ASP E 200 23.42 14.14 -3.30
CA ASP E 200 22.21 13.37 -3.55
C ASP E 200 21.06 13.84 -2.67
N ARG E 201 21.35 14.10 -1.39
CA ARG E 201 20.31 14.60 -0.50
C ARG E 201 19.89 16.02 -0.87
N TYR E 202 20.83 16.83 -1.36
CA TYR E 202 20.50 18.18 -1.79
C TYR E 202 19.52 18.16 -2.95
N CYS E 203 19.69 17.25 -3.90
CA CYS E 203 18.77 17.17 -5.02
C CYS E 203 17.40 16.68 -4.58
N ALA E 204 17.36 15.67 -3.72
CA ALA E 204 16.08 15.14 -3.24
C ALA E 204 15.29 16.20 -2.49
N VAL E 205 15.94 16.91 -1.56
CA VAL E 205 15.25 17.93 -0.77
C VAL E 205 14.92 19.16 -1.61
N MET E 206 15.88 19.66 -2.39
CA MET E 206 15.69 20.92 -3.08
C MET E 206 14.94 20.79 -4.40
N ASP E 207 14.95 19.62 -5.02
CA ASP E 207 14.19 19.39 -6.25
C ASP E 207 13.46 18.06 -6.12
N PRO E 208 12.47 17.98 -5.22
CA PRO E 208 11.78 16.71 -4.98
C PRO E 208 10.98 16.19 -6.15
N LEU E 209 10.40 17.08 -6.97
CA LEU E 209 9.58 16.64 -8.09
C LEU E 209 10.41 16.02 -9.20
N ARG E 210 11.62 16.53 -9.43
CA ARG E 210 12.47 16.05 -10.50
C ARG E 210 13.55 15.09 -10.00
N TYR E 211 13.53 14.74 -8.72
CA TYR E 211 14.55 13.85 -8.17
C TYR E 211 14.61 12.48 -8.83
N PRO E 212 13.49 11.79 -9.10
CA PRO E 212 13.60 10.45 -9.70
C PRO E 212 14.23 10.44 -11.09
N VAL E 213 14.24 11.57 -11.79
CA VAL E 213 14.80 11.60 -13.14
C VAL E 213 16.18 12.25 -13.21
N LEU E 214 16.63 12.88 -12.13
CA LEU E 214 17.95 13.50 -12.11
C LEU E 214 19.03 12.61 -11.51
N VAL E 215 18.65 11.53 -10.85
CA VAL E 215 19.62 10.67 -10.16
C VAL E 215 19.51 9.26 -10.73
N THR E 216 19.23 9.16 -12.03
CA THR E 216 19.16 7.90 -12.76
C THR E 216 20.36 7.02 -12.46
N PRO E 217 20.21 5.69 -12.45
CA PRO E 217 21.32 4.82 -12.06
C PRO E 217 22.54 4.92 -12.95
N VAL E 218 22.40 5.43 -14.18
CA VAL E 218 23.57 5.66 -15.01
C VAL E 218 24.49 6.70 -14.37
N ARG E 219 23.91 7.79 -13.86
CA ARG E 219 24.71 8.82 -13.22
C ARG E 219 25.30 8.33 -11.90
N VAL E 220 24.58 7.47 -11.17
CA VAL E 220 25.13 6.93 -9.93
C VAL E 220 26.37 6.09 -10.22
N ALA E 221 26.32 5.27 -11.27
CA ALA E 221 27.49 4.51 -11.67
C ALA E 221 28.62 5.42 -12.13
N ILE E 222 28.28 6.47 -12.88
CA ILE E 222 29.30 7.43 -13.32
C ILE E 222 29.93 8.12 -12.12
N SER E 223 29.12 8.51 -11.14
CA SER E 223 29.66 9.18 -9.97
C SER E 223 30.61 8.29 -9.20
N LEU E 224 30.27 7.01 -9.03
CA LEU E 224 31.15 6.09 -8.32
C LEU E 224 32.44 5.84 -9.09
N VAL E 225 32.36 5.75 -10.42
CA VAL E 225 33.56 5.53 -11.21
C VAL E 225 34.51 6.72 -11.10
N LEU E 226 33.98 7.94 -11.18
CA LEU E 226 34.81 9.13 -11.07
C LEU E 226 35.44 9.24 -9.69
N ILE E 227 34.77 8.73 -8.65
CA ILE E 227 35.33 8.76 -7.30
C ILE E 227 36.60 7.91 -7.25
N TRP E 228 36.53 6.71 -7.80
CA TRP E 228 37.67 5.80 -7.75
C TRP E 228 38.76 6.17 -8.75
N VAL E 229 38.39 6.75 -9.89
CA VAL E 229 39.42 7.21 -10.83
C VAL E 229 40.26 8.31 -10.19
N ILE E 230 39.62 9.25 -9.50
CA ILE E 230 40.36 10.27 -8.76
C ILE E 230 41.13 9.65 -7.60
N SER E 231 40.51 8.71 -6.89
CA SER E 231 41.18 8.08 -5.76
C SER E 231 42.43 7.32 -6.19
N ILE E 232 42.33 6.58 -7.30
CA ILE E 232 43.48 5.83 -7.79
C ILE E 232 44.55 6.79 -8.31
N THR E 233 44.14 7.87 -8.98
CA THR E 233 45.11 8.82 -9.51
C THR E 233 45.91 9.47 -8.40
N LEU E 234 45.26 9.86 -7.31
CA LEU E 234 45.96 10.51 -6.21
C LEU E 234 46.77 9.55 -5.36
N SER E 235 46.42 8.27 -5.35
CA SER E 235 47.05 7.32 -4.44
C SER E 235 48.11 6.45 -5.12
N PHE E 236 47.72 5.69 -6.14
CA PHE E 236 48.65 4.74 -6.73
C PHE E 236 49.53 5.38 -7.80
N LEU E 237 48.92 6.14 -8.71
CA LEU E 237 49.71 6.79 -9.75
C LEU E 237 50.66 7.82 -9.15
N SER E 238 50.18 8.60 -8.19
CA SER E 238 51.02 9.67 -7.64
C SER E 238 52.18 9.12 -6.83
N ILE E 239 51.93 8.13 -5.98
CA ILE E 239 52.98 7.62 -5.10
C ILE E 239 54.03 6.85 -5.91
N HIS E 240 53.59 5.99 -6.82
CA HIS E 240 54.52 5.16 -7.57
C HIS E 240 55.29 5.94 -8.61
N LEU E 241 54.77 7.07 -9.09
CA LEU E 241 55.47 7.91 -10.04
C LEU E 241 56.22 9.06 -9.36
N GLY E 242 56.22 9.11 -8.03
CA GLY E 242 56.93 10.15 -7.33
C GLY E 242 56.30 11.53 -7.39
N TRP E 243 55.00 11.61 -7.69
CA TRP E 243 54.34 12.91 -7.72
C TRP E 243 54.28 13.53 -6.33
N ASN E 244 54.03 12.73 -5.31
CA ASN E 244 53.96 13.22 -3.94
C ASN E 244 55.30 13.16 -3.21
N SER E 245 56.36 12.68 -3.87
CA SER E 245 57.66 12.59 -3.23
C SER E 245 58.24 13.99 -2.99
N ARG E 246 58.99 14.11 -1.90
CA ARG E 246 59.60 15.38 -1.55
C ARG E 246 60.67 15.78 -2.56
N THR E 256 64.80 3.77 6.58
CA THR E 256 63.96 2.80 5.88
C THR E 256 62.85 2.30 6.79
N SER E 257 62.96 2.60 8.09
CA SER E 257 61.96 2.15 9.06
C SER E 257 60.68 2.97 8.97
N LYS E 258 60.73 4.18 8.42
CA LYS E 258 59.54 5.01 8.32
C LYS E 258 58.70 4.63 7.11
N CYS E 259 57.38 4.65 7.29
CA CYS E 259 56.43 4.38 6.21
C CYS E 259 55.33 5.44 6.22
N LYS E 260 55.73 6.70 6.27
CA LYS E 260 54.80 7.82 6.26
C LYS E 260 54.50 8.25 4.83
N VAL E 261 53.26 8.67 4.59
CA VAL E 261 52.87 9.15 3.26
C VAL E 261 53.56 10.48 3.00
N GLN E 262 54.39 10.52 1.96
CA GLN E 262 55.14 11.72 1.64
C GLN E 262 54.24 12.77 0.99
N VAL E 263 54.63 14.04 1.13
CA VAL E 263 53.88 15.15 0.58
C VAL E 263 54.85 16.30 0.31
N ASN E 264 54.63 17.01 -0.79
CA ASN E 264 55.39 18.21 -1.14
C ASN E 264 54.45 19.40 -1.24
N GLU E 265 54.98 20.55 -1.66
CA GLU E 265 54.18 21.75 -1.73
C GLU E 265 53.06 21.63 -2.76
N VAL E 266 53.37 21.09 -3.94
CA VAL E 266 52.37 20.99 -5.00
C VAL E 266 51.33 19.95 -4.66
N TYR E 267 51.77 18.78 -4.19
CA TYR E 267 50.84 17.70 -3.90
C TYR E 267 49.95 18.02 -2.70
N GLY E 268 50.48 18.74 -1.72
CA GLY E 268 49.68 19.06 -0.54
C GLY E 268 48.49 19.95 -0.87
N LEU E 269 48.69 20.93 -1.75
CA LEU E 269 47.60 21.83 -2.10
C LEU E 269 46.61 21.13 -3.04
N VAL E 270 47.10 20.37 -4.02
CA VAL E 270 46.21 19.71 -4.96
C VAL E 270 45.38 18.65 -4.26
N ASP E 271 46.02 17.80 -3.46
CA ASP E 271 45.29 16.77 -2.73
C ASP E 271 44.37 17.38 -1.68
N GLY E 272 44.84 18.41 -0.97
CA GLY E 272 44.03 19.00 0.07
C GLY E 272 42.77 19.66 -0.46
N LEU E 273 42.90 20.43 -1.53
CA LEU E 273 41.76 21.15 -2.08
C LEU E 273 40.77 20.19 -2.73
N VAL E 274 41.26 19.29 -3.56
CA VAL E 274 40.38 18.41 -4.32
C VAL E 274 39.68 17.42 -3.39
N THR E 275 40.43 16.79 -2.49
CA THR E 275 39.84 15.75 -1.65
C THR E 275 38.94 16.33 -0.57
N PHE E 276 39.41 17.37 0.13
CA PHE E 276 38.71 17.81 1.34
C PHE E 276 38.15 19.23 1.23
N TYR E 277 38.97 20.23 0.91
CA TYR E 277 38.55 21.61 1.10
C TYR E 277 37.44 22.00 0.12
N LEU E 278 37.59 21.64 -1.16
CA LEU E 278 36.51 21.92 -2.10
C LEU E 278 35.23 21.18 -1.76
N PRO E 279 35.24 19.88 -1.44
CA PRO E 279 34.00 19.25 -0.95
C PRO E 279 33.48 19.87 0.33
N LEU E 280 34.36 20.31 1.22
CA LEU E 280 33.90 20.91 2.47
C LEU E 280 33.12 22.20 2.21
N LEU E 281 33.60 23.03 1.30
CA LEU E 281 32.90 24.27 0.98
C LEU E 281 31.54 24.00 0.35
N ILE E 282 31.46 23.01 -0.54
CA ILE E 282 30.20 22.69 -1.19
C ILE E 282 29.23 22.05 -0.19
N MET E 283 29.72 21.14 0.65
CA MET E 283 28.85 20.48 1.61
C MET E 283 28.29 21.47 2.63
N CYS E 284 29.09 22.46 3.03
CA CYS E 284 28.59 23.49 3.94
C CYS E 284 27.47 24.28 3.28
N ILE E 285 27.63 24.65 2.01
CA ILE E 285 26.58 25.36 1.30
C ILE E 285 25.35 24.46 1.11
N THR E 286 25.59 23.19 0.75
CA THR E 286 24.49 22.27 0.51
C THR E 286 23.69 22.00 1.78
N TYR E 287 24.38 21.73 2.88
CA TYR E 287 23.69 21.39 4.13
C TYR E 287 23.13 22.60 4.85
N TYR E 288 23.62 23.81 4.55
CA TYR E 288 23.00 25.00 5.11
C TYR E 288 21.71 25.34 4.39
N ARG E 289 21.66 25.13 3.07
CA ARG E 289 20.41 25.32 2.34
C ARG E 289 19.37 24.30 2.77
N ILE E 290 19.79 23.05 2.98
CA ILE E 290 18.87 22.04 3.50
C ILE E 290 18.43 22.41 4.92
N PHE E 291 19.32 23.00 5.70
CA PHE E 291 18.97 23.45 7.04
C PHE E 291 17.87 24.50 7.01
N LYS E 292 17.99 25.48 6.11
CA LYS E 292 16.97 26.52 6.02
C LYS E 292 15.62 25.95 5.61
N VAL E 293 15.63 25.01 4.66
CA VAL E 293 14.39 24.38 4.22
C VAL E 293 13.77 23.58 5.36
N ALA E 294 14.59 22.79 6.07
CA ALA E 294 14.07 21.99 7.17
C ALA E 294 13.52 22.86 8.29
N ARG E 295 14.22 23.96 8.61
CA ARG E 295 13.71 24.88 9.61
C ARG E 295 12.43 25.56 9.16
N ASP E 296 12.35 25.95 7.89
CA ASP E 296 11.14 26.58 7.37
C ASP E 296 9.97 25.63 7.39
N GLN E 297 10.20 24.37 7.01
CA GLN E 297 9.13 23.37 7.04
C GLN E 297 8.70 23.08 8.46
N ALA E 298 9.64 23.05 9.41
CA ALA E 298 9.29 22.79 10.80
C ALA E 298 8.39 23.88 11.36
N LYS E 299 8.68 25.14 11.03
CA LYS E 299 7.84 26.23 11.50
C LYS E 299 6.45 26.16 10.89
N ARG E 300 6.35 25.81 9.61
CA ARG E 300 5.04 25.68 8.97
C ARG E 300 4.22 24.56 9.59
N ILE E 301 4.85 23.42 9.86
CA ILE E 301 4.11 22.28 10.41
C ILE E 301 3.67 22.57 11.84
N ASN E 302 4.50 23.26 12.62
CA ASN E 302 4.15 23.56 14.01
C ASN E 302 2.99 24.53 14.10
N HIS E 303 2.84 25.42 13.12
CA HIS E 303 1.80 26.44 13.14
C HIS E 303 0.61 26.09 12.27
N ILE E 304 0.37 24.80 12.03
CA ILE E 304 -0.77 24.40 11.21
C ILE E 304 -2.08 24.75 11.92
N SER E 305 -2.15 24.47 13.21
CA SER E 305 -3.36 24.73 13.98
C SER E 305 -2.98 25.28 15.35
N SER E 306 -3.83 26.18 15.86
CA SER E 306 -3.60 26.77 17.17
C SER E 306 -3.96 25.83 18.31
N TRP E 307 -4.89 24.91 18.08
CA TRP E 307 -5.36 24.02 19.13
C TRP E 307 -4.42 22.84 19.39
N LYS E 308 -3.41 22.65 18.55
CA LYS E 308 -2.49 21.53 18.67
C LYS E 308 -1.09 22.02 18.99
N ALA E 309 -0.42 21.33 19.90
CA ALA E 309 0.93 21.72 20.28
C ALA E 309 1.91 21.38 19.16
N ALA E 310 3.15 21.87 19.32
CA ALA E 310 4.17 21.63 18.32
C ALA E 310 4.53 20.14 18.28
N THR E 311 4.54 19.58 17.08
CA THR E 311 4.85 18.16 16.89
C THR E 311 6.27 17.92 16.42
N ILE E 312 7.00 18.96 16.03
CA ILE E 312 8.36 18.83 15.53
C ILE E 312 9.27 19.66 16.42
N ARG E 313 10.36 19.03 16.88
CA ARG E 313 11.35 19.76 17.65
C ARG E 313 11.97 20.87 16.80
N GLU E 314 12.20 22.02 17.42
CA GLU E 314 12.76 23.15 16.69
C GLU E 314 14.18 22.88 16.23
N HIS E 315 14.94 22.10 17.00
CA HIS E 315 16.32 21.78 16.68
C HIS E 315 16.49 20.36 16.16
N LYS E 316 15.47 19.83 15.48
CA LYS E 316 15.58 18.51 14.90
C LYS E 316 16.63 18.48 13.79
N ALA E 317 16.59 19.49 12.90
CA ALA E 317 17.59 19.59 11.84
C ALA E 317 18.92 20.10 12.34
N THR E 318 18.91 20.93 13.38
CA THR E 318 20.15 21.47 13.92
C THR E 318 21.04 20.36 14.46
N VAL E 319 20.46 19.42 15.21
CA VAL E 319 21.24 18.33 15.78
C VAL E 319 21.73 17.39 14.69
N THR E 320 20.85 17.03 13.75
CA THR E 320 21.22 16.07 12.71
C THR E 320 22.32 16.61 11.81
N LEU E 321 22.21 17.87 11.39
CA LEU E 321 23.20 18.42 10.47
C LEU E 321 24.50 18.78 11.16
N ALA E 322 24.44 19.20 12.43
CA ALA E 322 25.67 19.46 13.16
C ALA E 322 26.44 18.18 13.45
N ALA E 323 25.74 17.06 13.58
CA ALA E 323 26.42 15.78 13.77
C ALA E 323 27.04 15.29 12.47
N VAL E 324 26.32 15.41 11.35
CA VAL E 324 26.85 14.96 10.07
C VAL E 324 28.02 15.81 9.64
N MET E 325 27.87 17.13 9.68
CA MET E 325 28.94 18.03 9.27
C MET E 325 30.02 18.14 10.33
N GLY E 326 29.64 18.09 11.61
CA GLY E 326 30.63 18.20 12.66
C GLY E 326 31.60 17.04 12.68
N ALA E 327 31.10 15.82 12.50
CA ALA E 327 31.98 14.66 12.46
C ALA E 327 32.91 14.72 11.27
N PHE E 328 32.41 15.14 10.11
CA PHE E 328 33.26 15.28 8.93
C PHE E 328 34.33 16.34 9.16
N ILE E 329 33.95 17.47 9.75
CA ILE E 329 34.92 18.55 10.00
C ILE E 329 35.93 18.14 11.06
N ILE E 330 35.45 17.61 12.19
CA ILE E 330 36.34 17.31 13.30
C ILE E 330 37.33 16.22 12.92
N CYS E 331 36.87 15.21 12.19
CA CYS E 331 37.72 14.06 11.88
C CYS E 331 38.76 14.37 10.80
N TRP E 332 38.43 15.24 9.84
CA TRP E 332 39.29 15.41 8.67
C TRP E 332 39.94 16.78 8.55
N PHE E 333 39.37 17.82 9.15
CA PHE E 333 39.98 19.14 9.04
C PHE E 333 41.37 19.21 9.66
N PRO E 334 41.61 18.73 10.89
CA PRO E 334 42.97 18.77 11.43
C PRO E 334 43.99 18.00 10.62
N TYR E 335 43.60 16.86 10.02
CA TYR E 335 44.56 16.08 9.26
C TYR E 335 45.01 16.82 8.00
N PHE E 336 44.05 17.32 7.22
CA PHE E 336 44.42 17.99 5.96
C PHE E 336 45.11 19.32 6.21
N THR E 337 44.75 20.02 7.29
CA THR E 337 45.48 21.24 7.65
C THR E 337 46.92 20.90 8.00
N ALA E 338 47.14 19.83 8.75
CA ALA E 338 48.50 19.38 9.02
C ALA E 338 49.16 18.84 7.76
N PHE E 339 48.38 18.14 6.91
CA PHE E 339 48.91 17.60 5.67
C PHE E 339 49.39 18.71 4.74
N VAL E 340 48.62 19.79 4.63
CA VAL E 340 49.05 20.92 3.82
C VAL E 340 50.24 21.62 4.46
N TYR E 341 50.19 21.82 5.78
CA TYR E 341 51.28 22.49 6.47
C TYR E 341 52.56 21.67 6.40
N ARG E 342 52.46 20.35 6.53
CA ARG E 342 53.63 19.50 6.46
C ARG E 342 54.27 19.57 5.07
N GLY E 343 53.45 19.62 4.02
CA GLY E 343 54.01 19.74 2.68
C GLY E 343 54.72 21.06 2.46
N LEU E 344 54.17 22.15 2.99
CA LEU E 344 54.78 23.46 2.78
C LEU E 344 56.04 23.65 3.62
N ARG E 345 56.01 23.21 4.87
CA ARG E 345 57.08 23.50 5.82
C ARG E 345 57.93 22.28 6.16
N GLY E 346 57.85 21.22 5.35
CA GLY E 346 58.66 20.04 5.58
C GLY E 346 58.02 19.06 6.55
N ASP E 347 58.53 17.83 6.53
CA ASP E 347 57.96 16.78 7.35
C ASP E 347 58.29 16.93 8.83
N ASP E 348 59.32 17.71 9.17
CA ASP E 348 59.70 17.90 10.57
C ASP E 348 58.97 19.06 11.23
N ALA E 349 58.18 19.82 10.47
CA ALA E 349 57.47 20.96 11.05
C ALA E 349 56.40 20.51 12.05
N ILE E 350 55.69 19.44 11.73
CA ILE E 350 54.60 18.95 12.57
C ILE E 350 55.17 18.01 13.63
N ASN E 351 54.74 18.19 14.88
CA ASN E 351 55.18 17.32 15.96
C ASN E 351 54.73 15.88 15.71
N GLU E 352 55.55 14.94 16.16
CA GLU E 352 55.25 13.53 15.96
C GLU E 352 53.96 13.12 16.65
N VAL E 353 53.76 13.60 17.88
CA VAL E 353 52.54 13.26 18.62
C VAL E 353 51.32 13.90 17.95
N LEU E 354 51.44 15.16 17.54
CA LEU E 354 50.32 15.83 16.90
C LEU E 354 49.95 15.18 15.58
N GLU E 355 50.96 14.75 14.81
CA GLU E 355 50.69 14.11 13.53
C GLU E 355 49.99 12.77 13.70
N ALA E 356 50.28 12.05 14.79
CA ALA E 356 49.61 10.78 15.03
C ALA E 356 48.17 10.98 15.49
N ILE E 357 47.89 12.08 16.20
CA ILE E 357 46.53 12.35 16.63
C ILE E 357 45.63 12.65 15.44
N VAL E 358 46.08 13.53 14.54
CA VAL E 358 45.26 13.91 13.41
C VAL E 358 45.13 12.77 12.40
N LEU E 359 46.07 11.83 12.40
CA LEU E 359 45.97 10.69 11.50
C LEU E 359 44.83 9.76 11.91
N TRP E 360 44.71 9.47 13.20
CA TRP E 360 43.67 8.57 13.68
C TRP E 360 42.32 9.25 13.83
N LEU E 361 42.29 10.57 13.86
CA LEU E 361 40.99 11.26 13.78
C LEU E 361 40.33 11.01 12.44
N GLY E 362 41.11 11.05 11.35
CA GLY E 362 40.56 10.72 10.05
C GLY E 362 40.12 9.28 9.94
N TYR E 363 40.87 8.36 10.56
CA TYR E 363 40.48 6.96 10.57
C TYR E 363 39.20 6.75 11.37
N ALA E 364 39.00 7.54 12.43
CA ALA E 364 37.79 7.41 13.24
C ALA E 364 36.54 7.82 12.48
N ASN E 365 36.68 8.59 11.41
CA ASN E 365 35.52 8.98 10.61
C ASN E 365 34.86 7.75 9.97
N SER E 366 35.66 6.75 9.62
CA SER E 366 35.10 5.52 9.07
C SER E 366 34.26 4.76 10.09
N ALA E 367 34.51 4.97 11.39
CA ALA E 367 33.66 4.38 12.41
C ALA E 367 32.40 5.18 12.68
N LEU E 368 32.35 6.44 12.23
CA LEU E 368 31.18 7.29 12.41
C LEU E 368 30.24 7.28 11.22
N ASN E 369 30.75 6.93 10.04
CA ASN E 369 29.89 6.87 8.86
C ASN E 369 28.73 5.87 8.98
N PRO E 370 28.92 4.65 9.47
CA PRO E 370 27.77 3.74 9.62
C PRO E 370 26.71 4.25 10.59
N ILE E 371 27.06 5.16 11.50
CA ILE E 371 26.09 5.68 12.45
C ILE E 371 25.37 6.89 11.89
N LEU E 372 26.08 7.81 11.24
CA LEU E 372 25.49 9.04 10.77
C LEU E 372 24.62 8.84 9.54
N TYR E 373 24.98 7.91 8.66
CA TYR E 373 24.29 7.76 7.39
C TYR E 373 23.44 6.50 7.29
N ALA E 374 23.56 5.57 8.22
CA ALA E 374 22.70 4.39 8.26
C ALA E 374 21.85 4.33 9.52
N ALA E 375 22.46 4.46 10.69
CA ALA E 375 21.69 4.46 11.93
C ALA E 375 20.78 5.67 12.05
N LEU E 376 21.06 6.75 11.30
CA LEU E 376 20.23 7.94 11.30
C LEU E 376 19.39 8.04 10.03
N ASN E 377 19.07 6.89 9.43
CA ASN E 377 18.18 6.81 8.29
C ASN E 377 17.00 5.95 8.69
N ARG E 378 15.78 6.42 8.42
CA ARG E 378 14.60 5.70 8.85
C ARG E 378 14.50 4.33 8.18
N ASP E 379 14.86 4.25 6.89
CA ASP E 379 14.78 2.99 6.18
C ASP E 379 15.72 1.94 6.77
N PHE E 380 16.93 2.34 7.15
CA PHE E 380 17.90 1.38 7.67
C PHE E 380 17.53 0.92 9.07
N ARG E 381 17.02 1.81 9.91
CA ARG E 381 16.65 1.40 11.27
C ARG E 381 15.56 0.35 11.25
N THR E 382 14.54 0.52 10.42
CA THR E 382 13.53 -0.52 10.26
C THR E 382 14.11 -1.76 9.59
N GLY E 383 15.16 -1.58 8.77
CA GLY E 383 15.81 -2.73 8.16
C GLY E 383 16.51 -3.62 9.18
N TYR E 384 17.09 -3.01 10.22
CA TYR E 384 17.75 -3.80 11.25
C TYR E 384 16.77 -4.69 11.99
N GLN E 385 15.51 -4.26 12.12
CA GLN E 385 14.51 -5.08 12.81
C GLN E 385 14.27 -6.40 12.07
N GLN E 386 14.17 -6.33 10.74
CA GLN E 386 13.97 -7.54 9.94
C GLN E 386 15.24 -8.38 9.83
N LEU E 387 16.38 -7.85 10.23
CA LEU E 387 17.64 -8.59 10.15
C LEU E 387 17.77 -9.56 11.32
N HSM F . 45.11 8.72 6.30
CA HSM F . 44.60 9.68 5.33
CB HSM F . 45.07 9.30 3.95
CG HSM F . 45.18 10.45 3.02
ND1 HSM F . 46.28 11.27 3.03
CD2 HSM F . 44.31 10.89 2.08
CE1 HSM F . 46.07 12.16 2.09
NE2 HSM F . 44.90 11.97 1.49
C1 CLR G . 48.95 9.04 21.50
C2 CLR G . 50.44 9.25 21.28
C3 CLR G . 51.08 7.93 20.85
C4 CLR G . 50.51 7.53 19.49
C5 CLR G . 48.99 7.49 19.57
C6 CLR G . 48.38 6.45 19.08
C7 CLR G . 46.88 6.28 19.09
C8 CLR G . 46.18 7.62 19.25
C9 CLR G . 46.79 8.38 20.43
C10 CLR G . 48.27 8.64 20.19
C11 CLR G . 46.05 9.69 20.69
C12 CLR G . 44.54 9.46 20.92
C13 CLR G . 43.95 8.70 19.74
C14 CLR G . 44.72 7.36 19.60
C15 CLR G . 43.89 6.64 18.53
C16 CLR G . 42.45 6.92 19.00
C17 CLR G . 42.50 8.21 19.86
C18 CLR G . 44.12 9.49 18.43
C19 CLR G . 48.39 9.80 19.22
C20 CLR G . 41.49 9.23 19.35
C21 CLR G . 41.07 10.16 20.49
C22 CLR G . 40.25 8.50 18.80
C23 CLR G . 39.06 9.46 18.69
C24 CLR G . 37.81 8.66 18.34
C25 CLR G . 36.62 9.61 18.17
C26 CLR G . 36.38 10.38 19.46
C27 CLR G . 35.37 8.80 17.83
O1 CLR G . 52.49 8.11 20.73
#